data_6D56
#
_entry.id   6D56
#
_cell.length_a   183.621
_cell.length_b   183.621
_cell.length_c   178.738
_cell.angle_alpha   90.00
_cell.angle_beta   90.00
_cell.angle_gamma   90.00
#
_symmetry.space_group_name_H-M   'I 4 2 2'
#
loop_
_entity.id
_entity.type
_entity.pdbx_description
1 polymer 'GTPase HRas'
2 polymer 'Son of sevenless homolog 1'
3 polymer 'GTPase HRas'
4 non-polymer 'PHOSPHOAMINOPHOSPHONIC ACID-GUANYLATE ESTER'
5 non-polymer 'MAGNESIUM ION'
6 non-polymer 6-chloro-2-(2,6-diazaspiro[3.3]heptan-2-yl)-4-(3,5-dimethyl-1H-pyrazol-4-yl)-1-[(4-fluoro-3,5-dimethylphenyl)methyl]-1H-benzimidazole
7 non-polymer 'FORMIC ACID'
8 non-polymer GLYCEROL
9 non-polymer 'SODIUM ION'
10 water water
#
loop_
_entity_poly.entity_id
_entity_poly.type
_entity_poly.pdbx_seq_one_letter_code
_entity_poly.pdbx_strand_id
1 'polypeptide(L)'
;GMTEYKLVVVGAGGVGKSALTIQLIQNHFVDEYDPTIEDSYRKQVVIDGET(CSO)LLDILDTAGQEEASAMRDQYMRTG
EGFLCVFAINNTKSFEDIHQYREQIKRVKDSDDVPMVLVGNKCDLAARTVESRQAQDLARSYGIPYIETSAKTRQGVEDA
FYTLVREIRQH
;
A
2 'polypeptide(L)'
;GQMRLPSADVYRFAEPDSEENIIFEENMQPKAGIPIIKAGTVIKLIERLTYHMYADPNFVRTFLTTYRSFCKPQELLSLI
IERFEIPEPEPTEADRIAIENGDQPLSAELKRFRKEYIQPVQLRVLNVCRHWVEHHFYDFERDAYLLQRMEEFIGTVRGK
AMKKWVESITKIIQRKKIARDNGPGHNITFQSSPPTVEWHISRPGHIETFDLLTLHPIEIARQLTLLESDLYRAVQPSEL
VGSVWTKEDKEINSPNLLKMIRHTTNLTLWFEKCIVETENLEERVAVVSRIIEILQVFQELNNFNGVLEVVSAMNSSPVY
RLDHTFEQIPSRQKKILEEAHELSEDHYKKYLAKLRSINPPCVPFFGIYLTNILKTEEGNPEVLKRHGKELINFSKRRKV
AEITGEIQQYQNQPYCLRVESDIKRFFENLNPMGNSMEKEFTDYLFNKSLEIEPRNPKPLPRFPKKYSYPLKSPGVRPSN
PR
;
B
3 'polypeptide(L)'
;GMTEYKLVVVGAGGVGKSALTIQLIQNHFVDEYDPTIEDSYRKQVVIDGETCLLDILDTAGQEEYSAMRDQYMRTGEGFL
CVFAINNTKSFEDIHQYREQIKRVKDSDDVPMVLVGNKCDLAARTVESRQAQDLARSYGIPYIETSAKTRQGVEDAFYTL
VREIRQH
;
C
#
# COMPACT_ATOMS: atom_id res chain seq x y z
N MET A 2 7.23 8.35 -14.49
CA MET A 2 6.56 9.24 -13.54
C MET A 2 7.56 10.22 -12.90
N THR A 3 7.41 11.50 -13.22
CA THR A 3 8.21 12.52 -12.57
C THR A 3 7.62 12.81 -11.19
N GLU A 4 8.49 13.03 -10.22
CA GLU A 4 8.08 13.39 -8.88
C GLU A 4 8.22 14.90 -8.70
N TYR A 5 7.24 15.52 -8.04
CA TYR A 5 7.25 16.96 -7.79
C TYR A 5 7.08 17.21 -6.29
N LYS A 6 7.96 18.02 -5.72
CA LYS A 6 7.90 18.35 -4.29
C LYS A 6 7.23 19.70 -4.13
N LEU A 7 5.96 19.70 -3.69
CA LEU A 7 5.20 20.91 -3.47
C LEU A 7 5.14 21.21 -1.99
N VAL A 8 5.19 22.49 -1.64
CA VAL A 8 5.10 22.92 -0.24
C VAL A 8 4.02 23.97 -0.12
N VAL A 9 3.14 23.81 0.87
CA VAL A 9 2.03 24.73 1.09
C VAL A 9 2.36 25.59 2.30
N VAL A 10 2.45 26.91 2.10
CA VAL A 10 2.87 27.83 3.16
C VAL A 10 1.86 28.97 3.30
N GLY A 11 1.93 29.64 4.45
CA GLY A 11 1.03 30.74 4.73
C GLY A 11 0.64 30.83 6.19
N ALA A 12 -0.03 31.93 6.56
CA ALA A 12 -0.37 32.20 7.96
C ALA A 12 -1.28 31.12 8.55
N GLY A 13 -1.26 31.04 9.88
CA GLY A 13 -2.10 30.09 10.57
C GLY A 13 -3.58 30.31 10.29
N GLY A 14 -4.29 29.23 9.98
CA GLY A 14 -5.73 29.26 9.83
C GLY A 14 -6.24 29.65 8.46
N VAL A 15 -5.37 29.82 7.47
CA VAL A 15 -5.84 30.25 6.16
C VAL A 15 -6.45 29.12 5.35
N GLY A 16 -6.24 27.88 5.75
CA GLY A 16 -6.79 26.72 5.06
C GLY A 16 -5.78 25.88 4.29
N LYS A 17 -4.50 25.93 4.65
CA LYS A 17 -3.49 25.11 3.98
C LYS A 17 -3.84 23.64 4.07
N SER A 18 -4.16 23.17 5.28
CA SER A 18 -4.47 21.75 5.46
C SER A 18 -5.78 21.39 4.80
N ALA A 19 -6.79 22.25 4.92
CA ALA A 19 -8.07 21.93 4.27
C ALA A 19 -7.92 21.86 2.75
N LEU A 20 -7.14 22.78 2.17
CA LEU A 20 -6.87 22.70 0.73
C LEU A 20 -6.21 21.38 0.36
N THR A 21 -5.20 20.98 1.15
CA THR A 21 -4.46 19.77 0.82
C THR A 21 -5.33 18.53 0.97
N ILE A 22 -6.10 18.45 2.06
CA ILE A 22 -6.95 17.28 2.27
C ILE A 22 -8.08 17.23 1.25
N GLN A 23 -8.60 18.39 0.83
CA GLN A 23 -9.57 18.39 -0.27
C GLN A 23 -8.96 17.80 -1.55
N LEU A 24 -7.74 18.23 -1.90
CA LEU A 24 -7.06 17.66 -3.06
C LEU A 24 -6.85 16.16 -2.91
N ILE A 25 -6.41 15.72 -1.73
CA ILE A 25 -5.98 14.34 -1.58
C ILE A 25 -7.18 13.41 -1.41
N GLN A 26 -8.17 13.82 -0.60
CA GLN A 26 -9.26 12.92 -0.21
C GLN A 26 -10.64 13.35 -0.67
N ASN A 27 -10.78 14.50 -1.32
CA ASN A 27 -12.09 15.05 -1.72
C ASN A 27 -13.00 15.26 -0.51
N HIS A 28 -12.41 15.65 0.62
CA HIS A 28 -13.11 15.83 1.88
C HIS A 28 -12.76 17.19 2.45
N PHE A 29 -13.75 17.91 2.97
CA PHE A 29 -13.51 19.21 3.62
C PHE A 29 -13.42 19.02 5.14
N VAL A 30 -12.31 19.47 5.72
CA VAL A 30 -12.10 19.38 7.16
C VAL A 30 -12.64 20.64 7.82
N ASP A 31 -13.62 20.47 8.72
CA ASP A 31 -14.22 21.59 9.44
C ASP A 31 -13.40 22.01 10.65
N GLU A 32 -12.68 21.07 11.26
CA GLU A 32 -11.88 21.36 12.43
C GLU A 32 -10.68 22.21 12.05
N TYR A 33 -10.20 22.96 13.04
CA TYR A 33 -8.99 23.77 12.93
C TYR A 33 -7.99 23.15 13.90
N ASP A 34 -7.22 22.18 13.39
CA ASP A 34 -6.15 21.50 14.14
C ASP A 34 -4.82 22.02 13.63
N PRO A 35 -4.13 22.89 14.35
CA PRO A 35 -2.92 23.52 13.81
C PRO A 35 -1.86 22.48 13.48
N THR A 36 -1.30 22.61 12.28
CA THR A 36 -0.34 21.64 11.77
C THR A 36 1.05 21.92 12.33
N ILE A 37 1.82 20.85 12.52
CA ILE A 37 3.24 20.97 12.79
C ILE A 37 3.99 20.73 11.49
N GLU A 38 3.85 19.52 10.94
CA GLU A 38 4.25 19.25 9.56
C GLU A 38 3.69 17.92 9.13
N ASP A 39 2.99 17.91 8.00
CA ASP A 39 2.34 16.73 7.46
C ASP A 39 2.78 16.56 6.02
N SER A 40 2.75 15.32 5.56
N SER A 40 2.76 15.33 5.52
CA SER A 40 3.13 14.96 4.20
CA SER A 40 3.13 15.11 4.13
C SER A 40 1.98 14.21 3.54
C SER A 40 2.19 14.11 3.48
N TYR A 41 1.86 14.37 2.23
CA TYR A 41 0.89 13.62 1.46
C TYR A 41 1.49 13.27 0.09
N ARG A 42 0.98 12.20 -0.51
CA ARG A 42 1.38 11.84 -1.87
C ARG A 42 0.15 11.63 -2.74
N LYS A 43 0.28 11.99 -4.02
CA LYS A 43 -0.83 11.86 -4.95
C LYS A 43 -0.30 11.58 -6.35
N GLN A 44 -0.71 10.43 -6.91
CA GLN A 44 -0.48 10.14 -8.32
C GLN A 44 -1.61 10.75 -9.14
N VAL A 45 -1.25 11.51 -10.18
CA VAL A 45 -2.28 12.22 -10.96
C VAL A 45 -1.72 12.51 -12.35
N VAL A 46 -2.60 12.45 -13.35
CA VAL A 46 -2.22 12.79 -14.71
C VAL A 46 -2.50 14.27 -14.94
N ILE A 47 -1.46 15.04 -15.29
CA ILE A 47 -1.58 16.47 -15.53
C ILE A 47 -1.06 16.74 -16.94
N ASP A 48 -1.90 17.33 -17.79
CA ASP A 48 -1.55 17.59 -19.19
C ASP A 48 -1.01 16.34 -19.86
N GLY A 49 -1.66 15.21 -19.61
CA GLY A 49 -1.34 13.95 -20.26
C GLY A 49 -0.15 13.21 -19.71
N GLU A 50 0.51 13.73 -18.67
CA GLU A 50 1.72 13.12 -18.12
C GLU A 50 1.45 12.71 -16.68
N THR A 51 1.74 11.46 -16.36
CA THR A 51 1.53 11.01 -15.00
C THR A 51 2.62 11.53 -14.10
N LEU A 53 3.84 12.16 -9.70
CA LEU A 53 3.67 11.86 -8.32
C LEU A 53 3.93 13.14 -7.56
N LEU A 54 2.90 13.66 -6.91
CA LEU A 54 3.04 14.88 -6.13
C LEU A 54 3.37 14.50 -4.68
N ASP A 55 4.46 15.05 -4.15
CA ASP A 55 4.75 15.01 -2.72
C ASP A 55 4.38 16.37 -2.18
N ILE A 56 3.40 16.42 -1.26
CA ILE A 56 2.90 17.70 -0.78
C ILE A 56 3.23 17.83 0.69
N LEU A 57 3.99 18.86 1.02
CA LEU A 57 4.33 19.17 2.40
C LEU A 57 3.38 20.26 2.89
N ASP A 58 2.70 19.97 3.98
CA ASP A 58 1.72 20.87 4.61
C ASP A 58 2.38 21.40 5.88
N THR A 59 2.61 22.72 5.92
CA THR A 59 3.49 23.30 6.92
C THR A 59 2.70 24.05 7.99
N ALA A 60 3.43 24.50 9.01
CA ALA A 60 2.84 25.17 10.16
C ALA A 60 2.72 26.66 9.91
N GLY A 61 1.54 27.21 10.11
CA GLY A 61 1.32 28.63 10.00
C GLY A 61 1.43 29.37 11.31
N GLN A 62 1.28 28.68 12.45
CA GLN A 62 1.35 29.37 13.73
C GLN A 62 2.74 29.97 13.93
N GLU A 63 2.77 31.19 14.51
CA GLU A 63 4.03 31.92 14.63
C GLU A 63 5.03 31.19 15.52
N GLU A 64 4.55 30.36 16.44
CA GLU A 64 5.44 29.64 17.34
C GLU A 64 6.36 28.67 16.60
N ALA A 65 6.03 28.31 15.35
CA ALA A 65 6.89 27.46 14.53
C ALA A 65 7.73 28.25 13.53
N SER A 66 7.78 29.58 13.66
CA SER A 66 8.34 30.40 12.58
C SER A 66 9.85 30.23 12.42
N ALA A 67 10.55 29.63 13.37
CA ALA A 67 11.98 29.45 13.27
C ALA A 67 12.37 28.11 12.67
N MET A 68 11.41 27.34 12.15
CA MET A 68 11.67 25.98 11.70
C MET A 68 11.42 25.82 10.21
N ARG A 69 11.49 26.91 9.44
CA ARG A 69 11.05 26.89 8.04
C ARG A 69 12.16 26.61 7.04
N ASP A 70 13.41 27.02 7.32
CA ASP A 70 14.45 26.83 6.33
C ASP A 70 14.53 25.38 5.87
N GLN A 71 14.35 24.43 6.81
CA GLN A 71 14.53 23.02 6.49
C GLN A 71 13.52 22.53 5.45
N TYR A 72 12.29 23.04 5.48
CA TYR A 72 11.36 22.58 4.44
C TYR A 72 11.46 23.41 3.17
N MET A 73 11.92 24.65 3.27
CA MET A 73 12.06 25.46 2.07
C MET A 73 13.23 24.97 1.22
N ARG A 74 14.24 24.37 1.84
CA ARG A 74 15.36 23.80 1.08
C ARG A 74 14.89 22.65 0.20
N THR A 75 13.97 21.83 0.70
CA THR A 75 13.56 20.63 -0.03
C THR A 75 12.54 20.91 -1.12
N GLY A 76 11.73 21.96 -0.98
CA GLY A 76 10.60 22.15 -1.89
C GLY A 76 11.03 22.62 -3.26
N GLU A 77 10.33 22.13 -4.28
N GLU A 77 10.31 22.16 -4.28
CA GLU A 77 10.53 22.62 -5.63
CA GLU A 77 10.53 22.60 -5.65
C GLU A 77 9.61 23.78 -5.97
C GLU A 77 9.55 23.67 -6.10
N GLY A 78 8.41 23.79 -5.43
CA GLY A 78 7.44 24.82 -5.73
C GLY A 78 6.59 25.08 -4.52
N PHE A 79 6.07 26.30 -4.41
CA PHE A 79 5.39 26.72 -3.19
C PHE A 79 4.03 27.31 -3.48
N LEU A 80 3.00 26.77 -2.82
N LEU A 80 3.03 26.85 -2.74
CA LEU A 80 1.71 27.43 -2.79
CA LEU A 80 1.69 27.41 -2.77
C LEU A 80 1.74 28.43 -1.64
C LEU A 80 1.58 28.41 -1.63
N CYS A 81 1.54 29.70 -1.96
CA CYS A 81 1.56 30.77 -0.94
C CYS A 81 0.12 31.17 -0.69
N VAL A 82 -0.43 30.73 0.45
CA VAL A 82 -1.85 30.81 0.71
C VAL A 82 -2.15 31.91 1.71
N PHE A 83 -3.15 32.72 1.40
CA PHE A 83 -3.76 33.61 2.39
C PHE A 83 -5.27 33.38 2.31
N ALA A 84 -6.01 33.96 3.24
CA ALA A 84 -7.47 33.86 3.24
C ALA A 84 -8.06 35.21 2.85
N ILE A 85 -9.06 35.21 1.97
CA ILE A 85 -9.54 36.47 1.41
C ILE A 85 -10.37 37.26 2.42
N ASN A 86 -10.65 36.66 3.59
CA ASN A 86 -11.31 37.39 4.66
C ASN A 86 -10.35 37.72 5.82
N ASN A 87 -9.04 37.69 5.59
N ASN A 87 -9.05 37.73 5.57
CA ASN A 87 -8.08 37.97 6.65
CA ASN A 87 -8.03 37.92 6.59
C ASN A 87 -6.95 38.80 6.06
C ASN A 87 -6.90 38.77 6.00
N THR A 88 -7.03 40.12 6.26
N THR A 88 -6.99 40.09 6.19
CA THR A 88 -6.05 41.03 5.68
CA THR A 88 -6.00 40.98 5.61
C THR A 88 -4.63 40.74 6.19
C THR A 88 -4.60 40.75 6.18
N LYS A 89 -4.51 40.38 7.47
CA LYS A 89 -3.19 40.11 8.03
C LYS A 89 -2.51 38.95 7.31
N SER A 90 -3.29 37.90 6.96
CA SER A 90 -2.69 36.78 6.25
C SER A 90 -2.17 37.18 4.88
N PHE A 91 -2.85 38.14 4.23
CA PHE A 91 -2.34 38.66 2.97
C PHE A 91 -1.04 39.44 3.18
N GLU A 92 -0.99 40.24 4.25
CA GLU A 92 0.24 40.98 4.53
C GLU A 92 1.40 40.05 4.90
N ASP A 93 1.10 38.86 5.42
CA ASP A 93 2.14 37.89 5.75
C ASP A 93 2.75 37.23 4.52
N ILE A 94 2.09 37.33 3.35
CA ILE A 94 2.58 36.63 2.16
C ILE A 94 3.99 37.06 1.81
N HIS A 95 4.28 38.36 1.88
CA HIS A 95 5.58 38.82 1.42
C HIS A 95 6.71 38.25 2.28
N GLN A 96 6.47 38.04 3.57
N GLN A 96 6.45 38.01 3.57
CA GLN A 96 7.49 37.41 4.41
CA GLN A 96 7.47 37.41 4.43
C GLN A 96 7.83 36.01 3.91
C GLN A 96 7.80 35.99 3.99
N TYR A 97 6.80 35.21 3.58
CA TYR A 97 7.06 33.88 3.05
C TYR A 97 7.80 33.95 1.73
N ARG A 98 7.36 34.85 0.84
CA ARG A 98 8.01 35.01 -0.45
C ARG A 98 9.49 35.34 -0.27
N GLU A 99 9.80 36.28 0.62
CA GLU A 99 11.19 36.70 0.78
C GLU A 99 12.02 35.60 1.42
N GLN A 100 11.45 34.86 2.38
CA GLN A 100 12.21 33.79 3.01
C GLN A 100 12.52 32.67 2.02
N ILE A 101 11.54 32.29 1.20
CA ILE A 101 11.79 31.26 0.20
C ILE A 101 12.91 31.68 -0.73
N LYS A 102 12.87 32.92 -1.22
CA LYS A 102 13.91 33.42 -2.11
C LYS A 102 15.28 33.36 -1.44
N ARG A 103 15.36 33.72 -0.16
N ARG A 103 15.35 33.71 -0.15
CA ARG A 103 16.64 33.70 0.53
CA ARG A 103 16.63 33.72 0.55
C ARG A 103 17.17 32.28 0.67
C ARG A 103 17.17 32.30 0.71
N VAL A 104 16.33 31.37 1.16
CA VAL A 104 16.77 30.00 1.41
C VAL A 104 17.21 29.32 0.12
N LYS A 105 16.42 29.49 -0.94
CA LYS A 105 16.78 28.83 -2.19
C LYS A 105 17.76 29.66 -3.01
N ASP A 106 18.15 30.83 -2.51
CA ASP A 106 19.12 31.71 -3.18
C ASP A 106 18.74 31.92 -4.64
N SER A 107 17.47 32.28 -4.86
CA SER A 107 16.94 32.35 -6.21
C SER A 107 15.81 33.35 -6.28
N ASP A 108 15.79 34.11 -7.37
CA ASP A 108 14.72 35.04 -7.69
C ASP A 108 13.63 34.39 -8.52
N ASP A 109 13.76 33.10 -8.85
CA ASP A 109 12.96 32.44 -9.86
C ASP A 109 12.41 31.10 -9.35
N VAL A 110 11.83 31.10 -8.16
CA VAL A 110 11.29 29.88 -7.56
C VAL A 110 9.85 29.68 -8.01
N PRO A 111 9.47 28.48 -8.47
CA PRO A 111 8.05 28.23 -8.83
C PRO A 111 7.12 28.49 -7.65
N MET A 112 6.12 29.35 -7.87
N MET A 112 6.12 29.35 -7.87
CA MET A 112 5.18 29.74 -6.84
CA MET A 112 5.17 29.69 -6.83
C MET A 112 3.82 30.04 -7.46
C MET A 112 3.83 30.01 -7.46
N VAL A 113 2.77 29.84 -6.67
CA VAL A 113 1.42 30.28 -7.03
C VAL A 113 0.85 31.00 -5.81
N LEU A 114 0.24 32.17 -6.03
CA LEU A 114 -0.44 32.90 -4.97
C LEU A 114 -1.88 32.40 -4.87
N VAL A 115 -2.31 32.00 -3.68
CA VAL A 115 -3.63 31.39 -3.49
C VAL A 115 -4.42 32.22 -2.49
N GLY A 116 -5.59 32.70 -2.92
CA GLY A 116 -6.53 33.34 -2.03
C GLY A 116 -7.66 32.39 -1.67
N ASN A 117 -7.60 31.84 -0.47
CA ASN A 117 -8.51 30.77 -0.06
C ASN A 117 -9.74 31.33 0.65
N LYS A 118 -10.73 30.44 0.85
CA LYS A 118 -12.01 30.73 1.50
C LYS A 118 -12.90 31.61 0.61
N CYS A 119 -12.83 31.40 -0.71
CA CYS A 119 -13.59 32.25 -1.61
C CYS A 119 -15.08 31.92 -1.63
N ASP A 120 -15.49 30.89 -0.87
CA ASP A 120 -16.91 30.61 -0.66
C ASP A 120 -17.56 31.59 0.30
N LEU A 121 -16.76 32.34 1.07
CA LEU A 121 -17.27 33.27 2.06
C LEU A 121 -17.57 34.62 1.42
N ALA A 122 -18.73 35.18 1.76
CA ALA A 122 -19.16 36.44 1.15
C ALA A 122 -18.36 37.63 1.68
N ALA A 123 -17.99 37.60 2.96
CA ALA A 123 -17.40 38.76 3.64
C ALA A 123 -15.89 38.85 3.35
N ARG A 124 -15.60 39.24 2.11
CA ARG A 124 -14.21 39.41 1.67
C ARG A 124 -13.62 40.71 2.20
N THR A 125 -12.35 40.65 2.65
CA THR A 125 -11.63 41.87 3.03
C THR A 125 -10.39 42.15 2.18
N VAL A 126 -9.93 41.17 1.40
CA VAL A 126 -8.84 41.37 0.45
C VAL A 126 -9.43 41.30 -0.95
N GLU A 127 -9.33 42.39 -1.71
CA GLU A 127 -9.90 42.42 -3.05
C GLU A 127 -9.00 41.67 -4.02
N SER A 128 -9.64 41.01 -5.01
CA SER A 128 -8.89 40.25 -6.00
C SER A 128 -7.83 41.11 -6.68
N ARG A 129 -8.15 42.38 -6.96
CA ARG A 129 -7.21 43.26 -7.65
C ARG A 129 -5.93 43.44 -6.86
N GLN A 130 -6.03 43.64 -5.54
CA GLN A 130 -4.82 43.82 -4.73
C GLN A 130 -3.96 42.57 -4.76
N ALA A 131 -4.57 41.39 -4.68
CA ALA A 131 -3.79 40.17 -4.73
C ALA A 131 -3.19 39.96 -6.12
N GLN A 132 -3.97 40.27 -7.16
CA GLN A 132 -3.45 40.09 -8.51
C GLN A 132 -2.27 41.02 -8.78
N ASP A 133 -2.34 42.26 -8.28
CA ASP A 133 -1.21 43.18 -8.40
C ASP A 133 0.04 42.59 -7.77
N LEU A 134 -0.11 42.01 -6.57
CA LEU A 134 1.03 41.40 -5.90
C LEU A 134 1.59 40.23 -6.71
N ALA A 135 0.70 39.34 -7.18
CA ALA A 135 1.15 38.22 -7.99
C ALA A 135 1.93 38.69 -9.22
N ARG A 136 1.44 39.73 -9.91
CA ARG A 136 2.15 40.21 -11.09
C ARG A 136 3.55 40.71 -10.72
N SER A 137 3.66 41.37 -9.56
CA SER A 137 4.97 41.86 -9.12
C SER A 137 5.93 40.72 -8.83
N TYR A 138 5.40 39.52 -8.52
CA TYR A 138 6.18 38.32 -8.31
C TYR A 138 6.37 37.52 -9.60
N GLY A 139 5.62 37.84 -10.66
CA GLY A 139 5.66 37.04 -11.86
C GLY A 139 4.95 35.71 -11.78
N ILE A 140 3.93 35.59 -10.92
CA ILE A 140 3.29 34.30 -10.68
C ILE A 140 1.79 34.45 -10.84
N PRO A 141 1.08 33.33 -11.06
CA PRO A 141 -0.38 33.40 -11.15
C PRO A 141 -1.04 33.52 -9.79
N TYR A 142 -2.27 34.04 -9.82
CA TYR A 142 -3.12 34.16 -8.64
C TYR A 142 -4.37 33.36 -8.87
N ILE A 143 -4.68 32.45 -7.95
CA ILE A 143 -5.84 31.58 -8.07
C ILE A 143 -6.64 31.63 -6.77
N GLU A 144 -7.93 31.94 -6.87
CA GLU A 144 -8.79 31.94 -5.69
C GLU A 144 -9.42 30.56 -5.54
N THR A 145 -9.47 30.09 -4.30
CA THR A 145 -9.86 28.70 -4.02
C THR A 145 -10.87 28.67 -2.88
N SER A 146 -11.59 27.55 -2.83
CA SER A 146 -12.34 27.17 -1.63
C SER A 146 -12.08 25.71 -1.33
N ALA A 147 -11.45 25.44 -0.18
CA ALA A 147 -11.31 24.07 0.25
C ALA A 147 -12.67 23.45 0.58
N LYS A 148 -13.68 24.28 0.85
CA LYS A 148 -15.00 23.77 1.21
C LYS A 148 -15.76 23.29 -0.01
N THR A 149 -15.76 24.06 -1.09
CA THR A 149 -16.54 23.72 -2.28
C THR A 149 -15.72 23.04 -3.37
N ARG A 150 -14.38 23.05 -3.27
CA ARG A 150 -13.41 22.57 -4.25
C ARG A 150 -13.12 23.60 -5.35
N GLN A 151 -13.79 24.74 -5.36
CA GLN A 151 -13.52 25.76 -6.38
C GLN A 151 -12.02 26.07 -6.42
N GLY A 152 -11.43 25.96 -7.61
CA GLY A 152 -10.05 26.35 -7.84
C GLY A 152 -8.98 25.45 -7.24
N VAL A 153 -9.33 24.39 -6.50
CA VAL A 153 -8.33 23.64 -5.76
C VAL A 153 -7.38 22.90 -6.71
N GLU A 154 -7.92 22.13 -7.66
CA GLU A 154 -7.06 21.46 -8.62
C GLU A 154 -6.26 22.47 -9.44
N ASP A 155 -6.90 23.56 -9.83
CA ASP A 155 -6.21 24.59 -10.61
C ASP A 155 -5.00 25.12 -9.87
N ALA A 156 -5.12 25.37 -8.56
CA ALA A 156 -3.99 25.92 -7.82
C ALA A 156 -2.82 24.94 -7.79
N PHE A 157 -3.08 23.69 -7.40
CA PHE A 157 -2.00 22.73 -7.27
C PHE A 157 -1.42 22.37 -8.63
N TYR A 158 -2.27 22.18 -9.64
CA TYR A 158 -1.75 21.72 -10.91
C TYR A 158 -1.08 22.85 -11.69
N THR A 159 -1.49 24.11 -11.46
CA THR A 159 -0.73 25.23 -12.00
C THR A 159 0.68 25.25 -11.42
N LEU A 160 0.82 24.97 -10.12
CA LEU A 160 2.15 24.93 -9.53
C LEU A 160 3.00 23.82 -10.15
N VAL A 161 2.40 22.65 -10.40
CA VAL A 161 3.14 21.60 -11.09
C VAL A 161 3.64 22.08 -12.45
N ARG A 162 2.78 22.76 -13.21
CA ARG A 162 3.20 23.26 -14.52
C ARG A 162 4.35 24.25 -14.40
N GLU A 163 4.39 25.03 -13.33
N GLU A 163 4.32 25.10 -13.36
CA GLU A 163 5.48 25.99 -13.21
CA GLU A 163 5.44 26.01 -13.11
C GLU A 163 6.79 25.33 -12.79
C GLU A 163 6.73 25.23 -12.94
N ILE A 164 6.72 24.22 -12.06
CA ILE A 164 7.93 23.42 -11.83
C ILE A 164 8.37 22.76 -13.11
N ARG A 165 7.40 22.25 -13.90
CA ARG A 165 7.73 21.56 -15.13
C ARG A 165 8.43 22.48 -16.12
N GLN A 166 8.05 23.76 -16.15
CA GLN A 166 8.61 24.70 -17.12
C GLN A 166 9.79 25.49 -16.56
N HIS A 167 10.18 25.22 -15.32
CA HIS A 167 11.32 25.89 -14.67
C HIS A 167 12.65 25.46 -15.30
N GLY B 1 29.64 28.81 16.30
CA GLY B 1 29.81 27.37 16.43
C GLY B 1 28.49 26.66 16.66
N GLN B 2 28.54 25.33 16.73
CA GLN B 2 27.34 24.58 17.07
C GLN B 2 26.92 24.88 18.50
N MET B 3 25.64 24.67 18.77
CA MET B 3 25.16 24.77 20.13
C MET B 3 25.76 23.66 20.96
N ARG B 4 26.09 24.00 22.20
CA ARG B 4 26.44 22.94 23.13
C ARG B 4 25.17 22.20 23.55
N LEU B 5 25.37 20.97 24.04
CA LEU B 5 24.30 20.05 24.34
C LEU B 5 24.35 19.70 25.82
N PRO B 6 23.25 19.20 26.38
CA PRO B 6 23.31 18.67 27.75
C PRO B 6 24.31 17.53 27.81
N SER B 7 24.84 17.30 29.00
CA SER B 7 25.69 16.14 29.23
C SER B 7 24.92 14.86 28.90
N ALA B 8 25.58 13.95 28.18
CA ALA B 8 24.91 12.70 27.83
C ALA B 8 24.56 11.87 29.06
N ASP B 9 25.13 12.20 30.22
CA ASP B 9 24.79 11.50 31.46
C ASP B 9 23.42 11.90 32.01
N VAL B 10 22.99 13.14 31.80
CA VAL B 10 21.66 13.55 32.23
C VAL B 10 20.62 13.49 31.11
N TYR B 11 21.04 13.43 29.85
CA TYR B 11 20.12 13.44 28.72
C TYR B 11 20.67 12.51 27.65
N ARG B 12 20.05 11.34 27.50
CA ARG B 12 20.66 10.27 26.70
C ARG B 12 20.76 10.60 25.22
N PHE B 13 19.95 11.53 24.73
CA PHE B 13 19.89 11.80 23.29
C PHE B 13 20.97 12.78 22.83
N ALA B 14 21.94 13.08 23.68
CA ALA B 14 23.07 13.93 23.32
C ALA B 14 24.35 13.15 23.08
N GLU B 15 24.29 11.81 23.13
CA GLU B 15 25.48 11.03 22.85
C GLU B 15 25.91 11.27 21.40
N PRO B 16 27.21 11.39 21.13
CA PRO B 16 27.64 11.62 19.74
C PRO B 16 27.31 10.44 18.84
N ASP B 17 27.00 10.75 17.58
CA ASP B 17 26.87 9.71 16.57
C ASP B 17 28.18 8.94 16.42
N SER B 18 28.07 7.62 16.29
CA SER B 18 29.21 6.79 15.96
C SER B 18 28.69 5.57 15.24
N GLU B 19 29.59 4.82 14.60
CA GLU B 19 29.15 3.58 13.96
C GLU B 19 28.74 2.52 14.97
N GLU B 20 28.98 2.73 16.26
CA GLU B 20 28.45 1.82 17.27
C GLU B 20 27.00 2.10 17.61
N ASN B 21 26.43 3.23 17.15
CA ASN B 21 25.04 3.51 17.46
C ASN B 21 24.19 3.98 16.27
N ILE B 22 24.78 4.36 15.13
CA ILE B 22 23.98 4.74 13.96
C ILE B 22 24.82 4.55 12.70
N ILE B 23 24.16 4.04 11.65
CA ILE B 23 24.80 3.84 10.35
C ILE B 23 23.89 4.46 9.30
N PHE B 24 24.46 5.30 8.45
CA PHE B 24 23.70 5.96 7.40
C PHE B 24 23.90 5.26 6.07
N GLU B 25 22.89 5.34 5.21
CA GLU B 25 23.05 4.93 3.82
C GLU B 25 23.98 5.89 3.09
N GLU B 26 24.60 5.39 2.04
CA GLU B 26 25.41 6.24 1.16
C GLU B 26 24.49 7.12 0.30
N GLY B 33 18.21 16.93 1.14
CA GLY B 33 19.55 16.45 1.40
C GLY B 33 19.74 15.95 2.82
N ILE B 34 18.70 15.34 3.38
CA ILE B 34 18.78 14.85 4.75
C ILE B 34 19.31 13.42 4.72
N PRO B 35 20.00 12.97 5.77
CA PRO B 35 20.56 11.62 5.76
C PRO B 35 19.47 10.56 5.85
N ILE B 36 19.79 9.39 5.31
CA ILE B 36 18.92 8.22 5.34
C ILE B 36 19.55 7.18 6.24
N ILE B 37 18.80 6.70 7.24
CA ILE B 37 19.35 5.80 8.25
C ILE B 37 19.25 4.36 7.78
N LYS B 38 20.39 3.66 7.81
CA LYS B 38 20.41 2.23 7.55
C LYS B 38 20.10 1.43 8.81
N ALA B 39 20.71 1.80 9.94
CA ALA B 39 20.59 1.04 11.17
C ALA B 39 20.90 1.96 12.34
N GLY B 40 20.37 1.63 13.51
CA GLY B 40 20.74 2.41 14.69
C GLY B 40 20.16 1.81 15.95
N THR B 41 20.63 2.31 17.08
CA THR B 41 19.97 1.97 18.34
C THR B 41 18.61 2.65 18.38
N VAL B 42 17.73 2.15 19.26
CA VAL B 42 16.42 2.78 19.37
C VAL B 42 16.55 4.23 19.82
N ILE B 43 17.53 4.51 20.70
CA ILE B 43 17.76 5.90 21.15
C ILE B 43 18.12 6.78 19.96
N LYS B 44 18.99 6.31 19.07
CA LYS B 44 19.38 7.12 17.92
C LYS B 44 18.23 7.28 16.93
N LEU B 45 17.42 6.23 16.75
CA LEU B 45 16.26 6.36 15.86
C LEU B 45 15.30 7.42 16.39
N ILE B 46 15.08 7.45 17.70
CA ILE B 46 14.14 8.42 18.25
C ILE B 46 14.73 9.83 18.19
N GLU B 47 16.04 9.97 18.42
CA GLU B 47 16.70 11.26 18.24
C GLU B 47 16.47 11.79 16.82
N ARG B 48 16.69 10.95 15.82
CA ARG B 48 16.56 11.43 14.43
C ARG B 48 15.10 11.60 14.03
N LEU B 49 14.21 10.84 14.68
CA LEU B 49 12.77 11.01 14.49
C LEU B 49 12.29 12.39 14.89
N THR B 50 13.02 13.03 15.79
CA THR B 50 12.62 14.29 16.41
C THR B 50 13.77 15.28 16.37
N TYR B 51 14.48 15.30 15.24
CA TYR B 51 15.78 15.97 15.16
C TYR B 51 15.65 17.49 15.15
N HIS B 52 16.61 18.18 15.77
CA HIS B 52 16.44 19.63 15.89
C HIS B 52 16.70 20.35 14.57
N MET B 53 17.46 19.75 13.65
CA MET B 53 17.87 20.45 12.44
C MET B 53 16.86 20.37 11.31
N TYR B 54 16.01 19.35 11.27
CA TYR B 54 15.07 19.22 10.16
C TYR B 54 13.92 18.34 10.59
N ALA B 55 12.81 18.50 9.88
CA ALA B 55 11.67 17.58 9.99
C ALA B 55 11.81 16.47 8.94
N ASP B 56 11.22 15.32 9.24
CA ASP B 56 11.30 14.16 8.34
C ASP B 56 9.96 13.45 8.40
N PRO B 57 8.93 14.03 7.76
CA PRO B 57 7.57 13.46 7.90
C PRO B 57 7.47 12.05 7.35
N ASN B 58 8.26 11.69 6.35
N ASN B 58 8.20 11.74 6.29
CA ASN B 58 8.20 10.32 5.85
CA ASN B 58 8.26 10.36 5.81
C ASN B 58 8.90 9.34 6.80
C ASN B 58 8.75 9.44 6.93
N PHE B 59 9.86 9.83 7.57
CA PHE B 59 10.43 9.01 8.64
C PHE B 59 9.42 8.81 9.76
N VAL B 60 8.65 9.84 10.10
CA VAL B 60 7.65 9.70 11.14
C VAL B 60 6.64 8.62 10.75
N ARG B 61 6.17 8.66 9.50
CA ARG B 61 5.23 7.63 9.05
C ARG B 61 5.89 6.25 9.04
N THR B 62 7.10 6.16 8.48
N THR B 62 7.11 6.15 8.53
CA THR B 62 7.80 4.87 8.45
CA THR B 62 7.74 4.84 8.45
C THR B 62 7.94 4.30 9.86
C THR B 62 8.06 4.27 9.83
N PHE B 63 8.45 5.13 10.78
CA PHE B 63 8.68 4.70 12.14
C PHE B 63 7.38 4.28 12.82
N LEU B 64 6.34 5.11 12.76
CA LEU B 64 5.10 4.77 13.47
C LEU B 64 4.41 3.56 12.85
N THR B 65 4.66 3.29 11.56
CA THR B 65 4.06 2.11 10.93
C THR B 65 4.75 0.82 11.37
N THR B 66 6.08 0.86 11.61
CA THR B 66 6.88 -0.35 11.70
C THR B 66 7.55 -0.58 13.05
N TYR B 67 7.47 0.36 14.00
CA TYR B 67 8.34 0.29 15.18
C TYR B 67 8.04 -0.90 16.08
N ARG B 68 6.86 -1.50 16.00
CA ARG B 68 6.50 -2.53 16.99
C ARG B 68 7.34 -3.79 16.82
N SER B 69 8.02 -3.95 15.68
CA SER B 69 8.98 -5.03 15.48
C SER B 69 10.26 -4.85 16.28
N PHE B 70 10.50 -3.66 16.87
CA PHE B 70 11.71 -3.49 17.66
C PHE B 70 11.50 -2.73 18.96
N CYS B 71 10.30 -2.23 19.25
CA CYS B 71 10.06 -1.46 20.46
C CYS B 71 8.58 -1.58 20.82
N LYS B 72 8.28 -1.84 22.09
CA LYS B 72 6.89 -1.94 22.49
C LYS B 72 6.25 -0.55 22.57
N PRO B 73 4.94 -0.44 22.31
CA PRO B 73 4.28 0.87 22.41
C PRO B 73 4.51 1.57 23.75
N GLN B 74 4.42 0.84 24.87
CA GLN B 74 4.65 1.48 26.17
C GLN B 74 6.06 2.05 26.25
N GLU B 75 7.04 1.33 25.70
CA GLU B 75 8.43 1.79 25.75
C GLU B 75 8.64 2.97 24.83
N LEU B 76 8.00 2.97 23.65
CA LEU B 76 8.11 4.13 22.77
C LEU B 76 7.62 5.39 23.47
N LEU B 77 6.48 5.31 24.16
CA LEU B 77 5.97 6.50 24.84
C LEU B 77 6.94 6.97 25.92
N SER B 78 7.49 6.04 26.70
CA SER B 78 8.49 6.43 27.70
C SER B 78 9.67 7.14 27.06
N LEU B 79 10.12 6.63 25.91
CA LEU B 79 11.28 7.21 25.26
C LEU B 79 10.99 8.60 24.69
N ILE B 80 9.79 8.83 24.14
CA ILE B 80 9.58 10.17 23.59
C ILE B 80 9.30 11.18 24.70
N ILE B 81 8.75 10.73 25.84
CA ILE B 81 8.65 11.63 26.99
C ILE B 81 10.04 12.00 27.50
N GLU B 82 10.93 11.01 27.58
CA GLU B 82 12.33 11.29 27.94
C GLU B 82 12.97 12.27 26.96
N ARG B 83 12.70 12.09 25.66
CA ARG B 83 13.23 13.00 24.65
C ARG B 83 12.73 14.41 24.87
N PHE B 84 11.46 14.55 25.26
CA PHE B 84 10.81 15.86 25.42
C PHE B 84 11.43 16.67 26.56
N GLU B 85 11.90 15.99 27.61
CA GLU B 85 12.30 16.66 28.85
C GLU B 85 13.78 17.05 28.77
N ILE B 86 14.02 18.16 28.09
CA ILE B 86 15.38 18.62 27.77
C ILE B 86 15.83 19.60 28.84
N PRO B 87 16.97 19.39 29.47
CA PRO B 87 17.46 20.37 30.45
C PRO B 87 17.98 21.61 29.76
N GLU B 88 17.76 22.77 30.43
CA GLU B 88 18.28 24.05 29.94
C GLU B 88 19.69 24.27 30.48
N PRO B 89 20.53 24.94 29.70
CA PRO B 89 21.90 25.19 30.15
C PRO B 89 21.95 26.22 31.26
N GLU B 90 23.03 26.15 32.05
CA GLU B 90 23.27 27.12 33.11
C GLU B 90 23.73 28.46 32.53
N PRO B 91 23.62 29.54 33.30
CA PRO B 91 24.12 30.84 32.82
C PRO B 91 25.60 30.80 32.49
N THR B 92 25.98 31.53 31.43
CA THR B 92 27.36 31.62 31.00
C THR B 92 28.13 32.65 31.83
N GLU B 93 29.44 32.73 31.59
CA GLU B 93 30.27 33.69 32.31
C GLU B 93 29.79 35.12 32.12
N ALA B 94 29.42 35.48 30.88
CA ALA B 94 28.92 36.84 30.66
C ALA B 94 27.62 37.08 31.43
N ASP B 95 26.72 36.10 31.46
CA ASP B 95 25.49 36.24 32.25
C ASP B 95 25.81 36.38 33.73
N ARG B 96 26.77 35.59 34.23
N ARG B 96 26.77 35.59 34.23
CA ARG B 96 27.17 35.66 35.62
CA ARG B 96 27.18 35.65 35.62
C ARG B 96 27.66 37.06 35.99
C ARG B 96 27.66 37.05 36.00
N ILE B 97 28.51 37.63 35.14
CA ILE B 97 29.05 38.95 35.43
C ILE B 97 27.96 40.01 35.41
N ALA B 98 26.99 39.89 34.49
CA ALA B 98 25.88 40.82 34.48
C ALA B 98 25.08 40.73 35.79
N ILE B 99 24.76 39.50 36.21
CA ILE B 99 23.96 39.31 37.42
C ILE B 99 24.72 39.84 38.64
N GLU B 100 26.04 39.67 38.67
CA GLU B 100 26.80 40.17 39.80
C GLU B 100 26.79 41.68 39.89
N ASN B 101 26.53 42.36 38.78
CA ASN B 101 26.43 43.82 38.77
C ASN B 101 25.00 44.30 38.90
N GLY B 102 24.06 43.41 39.20
CA GLY B 102 22.68 43.79 39.33
C GLY B 102 21.95 44.05 38.03
N ASP B 103 22.53 43.64 36.90
CA ASP B 103 21.95 43.86 35.59
C ASP B 103 21.25 42.60 35.10
N GLN B 104 20.38 42.77 34.10
CA GLN B 104 19.75 41.60 33.50
C GLN B 104 20.73 40.96 32.52
N PRO B 105 20.92 39.64 32.59
CA PRO B 105 21.81 38.99 31.62
C PRO B 105 21.18 38.94 30.24
N LEU B 106 22.06 38.90 29.23
CA LEU B 106 21.58 38.76 27.86
C LEU B 106 21.07 37.36 27.59
N SER B 107 21.66 36.37 28.26
CA SER B 107 21.25 34.96 28.13
C SER B 107 21.23 34.51 26.67
N ALA B 108 22.22 34.97 25.90
CA ALA B 108 22.21 34.72 24.45
C ALA B 108 22.24 33.22 24.15
N GLU B 109 23.11 32.48 24.83
CA GLU B 109 23.23 31.05 24.55
C GLU B 109 21.98 30.30 24.97
N LEU B 110 21.42 30.67 26.12
CA LEU B 110 20.17 30.05 26.59
C LEU B 110 19.03 30.29 25.61
N LYS B 111 18.88 31.55 25.16
CA LYS B 111 17.81 31.86 24.21
C LYS B 111 17.99 31.10 22.90
N ARG B 112 19.23 31.00 22.41
CA ARG B 112 19.47 30.24 21.19
C ARG B 112 19.14 28.77 21.37
N PHE B 113 19.57 28.18 22.50
CA PHE B 113 19.29 26.76 22.73
C PHE B 113 17.79 26.51 22.81
N ARG B 114 17.04 27.42 23.44
CA ARG B 114 15.58 27.28 23.47
C ARG B 114 14.98 27.33 22.07
N LYS B 115 15.43 28.31 21.27
CA LYS B 115 14.83 28.56 19.97
C LYS B 115 15.23 27.50 18.95
N GLU B 116 16.46 27.00 19.02
CA GLU B 116 17.00 26.17 17.96
C GLU B 116 17.16 24.71 18.34
N TYR B 117 17.08 24.37 19.63
CA TYR B 117 17.11 22.96 20.05
C TYR B 117 15.82 22.57 20.76
N ILE B 118 15.50 23.19 21.89
CA ILE B 118 14.38 22.70 22.70
C ILE B 118 13.07 22.81 21.93
N GLN B 119 12.77 24.00 21.40
CA GLN B 119 11.45 24.16 20.79
C GLN B 119 11.28 23.28 19.55
N PRO B 120 12.26 23.16 18.65
CA PRO B 120 12.06 22.23 17.52
C PRO B 120 11.95 20.78 17.96
N VAL B 121 12.79 20.31 18.89
CA VAL B 121 12.70 18.92 19.32
C VAL B 121 11.37 18.66 20.00
N GLN B 122 10.93 19.58 20.86
CA GLN B 122 9.67 19.39 21.57
C GLN B 122 8.50 19.41 20.61
N LEU B 123 8.49 20.34 19.65
CA LEU B 123 7.42 20.35 18.66
C LEU B 123 7.43 19.07 17.84
N ARG B 124 8.62 18.56 17.51
CA ARG B 124 8.67 17.33 16.72
C ARG B 124 8.27 16.11 17.55
N VAL B 125 8.52 16.12 18.86
CA VAL B 125 7.94 15.07 19.71
C VAL B 125 6.42 15.14 19.67
N LEU B 126 5.86 16.34 19.81
CA LEU B 126 4.41 16.47 19.74
C LEU B 126 3.89 16.04 18.37
N ASN B 127 4.64 16.28 17.30
CA ASN B 127 4.17 15.83 15.98
C ASN B 127 4.15 14.31 15.91
N VAL B 128 5.11 13.64 16.55
CA VAL B 128 5.03 12.18 16.64
C VAL B 128 3.77 11.76 17.39
N CYS B 129 3.49 12.41 18.52
CA CYS B 129 2.27 12.08 19.27
C CYS B 129 1.03 12.31 18.42
N ARG B 130 0.99 13.44 17.70
CA ARG B 130 -0.16 13.77 16.88
C ARG B 130 -0.37 12.72 15.79
N HIS B 131 0.71 12.35 15.08
CA HIS B 131 0.60 11.33 14.05
C HIS B 131 0.24 9.97 14.64
N TRP B 132 0.78 9.66 15.81
CA TRP B 132 0.50 8.39 16.48
C TRP B 132 -1.00 8.28 16.75
N VAL B 133 -1.58 9.31 17.35
CA VAL B 133 -3.01 9.30 17.68
C VAL B 133 -3.87 9.34 16.43
N GLU B 134 -3.47 10.15 15.42
CA GLU B 134 -4.35 10.32 14.27
C GLU B 134 -4.36 9.12 13.34
N HIS B 135 -3.20 8.50 13.12
CA HIS B 135 -3.04 7.50 12.07
C HIS B 135 -2.66 6.12 12.57
N HIS B 136 -2.37 5.97 13.87
CA HIS B 136 -2.00 4.67 14.42
C HIS B 136 -2.69 4.47 15.75
N PHE B 137 -3.96 4.89 15.83
CA PHE B 137 -4.69 4.89 17.09
C PHE B 137 -4.94 3.48 17.61
N TYR B 138 -4.75 2.45 16.79
CA TYR B 138 -4.99 1.09 17.26
C TYR B 138 -4.12 0.73 18.47
N ASP B 139 -2.93 1.31 18.60
CA ASP B 139 -2.15 1.03 19.81
C ASP B 139 -2.94 1.39 21.06
N PHE B 140 -3.68 2.49 21.00
CA PHE B 140 -4.43 2.99 22.15
C PHE B 140 -5.76 2.26 22.31
N GLU B 141 -6.37 1.82 21.19
CA GLU B 141 -7.57 1.01 21.30
C GLU B 141 -7.29 -0.32 21.98
N ARG B 142 -6.09 -0.85 21.79
CA ARG B 142 -5.74 -2.17 22.30
C ARG B 142 -5.10 -2.11 23.67
N ASP B 143 -4.76 -0.93 24.16
CA ASP B 143 -4.09 -0.79 25.45
C ASP B 143 -4.61 0.51 26.08
N ALA B 144 -5.66 0.39 26.88
CA ALA B 144 -6.27 1.58 27.50
C ALA B 144 -5.28 2.32 28.39
N TYR B 145 -4.37 1.61 29.02
CA TYR B 145 -3.40 2.28 29.90
C TYR B 145 -2.43 3.13 29.10
N LEU B 146 -2.03 2.66 27.91
CA LEU B 146 -1.21 3.48 27.04
C LEU B 146 -1.91 4.81 26.72
N LEU B 147 -3.22 4.74 26.45
CA LEU B 147 -3.98 5.96 26.16
C LEU B 147 -4.00 6.88 27.38
N GLN B 148 -4.20 6.32 28.56
CA GLN B 148 -4.16 7.13 29.78
C GLN B 148 -2.83 7.85 29.90
N ARG B 149 -1.72 7.15 29.65
CA ARG B 149 -0.41 7.77 29.75
C ARG B 149 -0.24 8.89 28.74
N MET B 150 -0.70 8.67 27.50
CA MET B 150 -0.60 9.71 26.49
C MET B 150 -1.43 10.93 26.87
N GLU B 151 -2.67 10.69 27.32
CA GLU B 151 -3.53 11.80 27.75
C GLU B 151 -2.87 12.60 28.86
N GLU B 152 -2.26 11.91 29.82
N GLU B 152 -2.27 11.91 29.83
CA GLU B 152 -1.63 12.57 30.96
CA GLU B 152 -1.64 12.59 30.96
C GLU B 152 -0.37 13.34 30.56
C GLU B 152 -0.41 13.38 30.50
N PHE B 153 0.42 12.79 29.63
CA PHE B 153 1.59 13.50 29.14
C PHE B 153 1.19 14.79 28.43
N ILE B 154 0.30 14.68 27.44
CA ILE B 154 -0.10 15.85 26.67
C ILE B 154 -0.77 16.87 27.59
N GLY B 155 -1.64 16.40 28.49
CA GLY B 155 -2.41 17.28 29.33
C GLY B 155 -1.62 18.00 30.39
N THR B 156 -0.36 17.63 30.61
CA THR B 156 0.47 18.28 31.61
C THR B 156 1.68 19.02 31.01
N VAL B 157 1.76 19.14 29.70
CA VAL B 157 2.81 19.97 29.08
C VAL B 157 2.51 21.44 29.40
N ARG B 158 3.48 22.13 30.00
CA ARG B 158 3.33 23.50 30.42
C ARG B 158 3.99 24.46 29.43
N GLY B 159 3.68 25.74 29.58
CA GLY B 159 4.44 26.72 28.82
C GLY B 159 3.82 27.06 27.48
N LYS B 160 3.95 28.33 27.08
CA LYS B 160 3.11 28.87 26.01
C LYS B 160 3.58 28.48 24.62
N ALA B 161 4.85 28.13 24.44
CA ALA B 161 5.32 27.86 23.08
C ALA B 161 4.62 26.65 22.46
N MET B 162 4.32 25.64 23.28
CA MET B 162 3.65 24.42 22.80
C MET B 162 2.14 24.44 22.98
N LYS B 163 1.58 25.48 23.62
CA LYS B 163 0.21 25.44 24.12
C LYS B 163 -0.82 25.17 23.03
N LYS B 164 -0.67 25.79 21.87
CA LYS B 164 -1.67 25.60 20.81
C LYS B 164 -1.75 24.13 20.39
N TRP B 165 -0.59 23.48 20.27
CA TRP B 165 -0.60 22.10 19.81
C TRP B 165 -0.99 21.14 20.93
N VAL B 166 -0.66 21.48 22.18
CA VAL B 166 -1.08 20.66 23.32
C VAL B 166 -2.60 20.64 23.43
N GLU B 167 -3.23 21.82 23.37
CA GLU B 167 -4.68 21.88 23.48
C GLU B 167 -5.35 21.20 22.29
N SER B 168 -4.75 21.33 21.10
CA SER B 168 -5.28 20.66 19.92
C SER B 168 -5.18 19.15 20.04
N ILE B 169 -4.01 18.64 20.43
CA ILE B 169 -3.83 17.19 20.51
C ILE B 169 -4.75 16.59 21.57
N THR B 170 -4.97 17.32 22.67
CA THR B 170 -5.94 16.87 23.67
C THR B 170 -7.31 16.67 23.05
N LYS B 171 -7.76 17.63 22.23
CA LYS B 171 -9.07 17.51 21.60
C LYS B 171 -9.10 16.38 20.57
N ILE B 172 -8.02 16.23 19.80
CA ILE B 172 -7.97 15.16 18.80
C ILE B 172 -8.09 13.80 19.48
N ILE B 173 -7.41 13.61 20.62
CA ILE B 173 -7.52 12.35 21.34
C ILE B 173 -8.96 12.09 21.75
N GLN B 174 -9.61 13.10 22.34
CA GLN B 174 -10.98 12.90 22.80
C GLN B 174 -11.91 12.59 21.63
N ARG B 175 -11.68 13.23 20.48
N ARG B 175 -11.67 13.19 20.47
CA ARG B 175 -12.45 12.90 19.28
CA ARG B 175 -12.49 12.88 19.30
C ARG B 175 -12.23 11.45 18.86
C ARG B 175 -12.23 11.47 18.80
N LYS B 176 -10.96 11.03 18.79
CA LYS B 176 -10.64 9.68 18.34
C LYS B 176 -11.27 8.63 19.22
N LYS B 177 -11.48 8.94 20.50
CA LYS B 177 -12.05 7.96 21.42
C LYS B 177 -13.49 7.61 21.06
N ILE B 178 -14.28 8.60 20.64
CA ILE B 178 -15.69 8.34 20.35
C ILE B 178 -15.97 8.12 18.87
N ALA B 179 -14.96 8.25 18.02
CA ALA B 179 -15.13 8.00 16.59
C ALA B 179 -15.21 6.50 16.32
N ASN B 187 -17.53 12.31 4.41
CA ASN B 187 -18.25 13.22 3.53
C ASN B 187 -17.37 13.64 2.34
N ILE B 188 -17.90 13.49 1.13
CA ILE B 188 -17.11 13.57 -0.10
C ILE B 188 -17.74 14.58 -1.06
N THR B 189 -16.91 15.39 -1.72
CA THR B 189 -17.37 16.34 -2.73
C THR B 189 -16.61 16.12 -4.04
N PHE B 190 -17.31 16.26 -5.18
CA PHE B 190 -16.77 15.88 -6.48
C PHE B 190 -16.76 17.02 -7.49
N GLN B 191 -15.90 16.86 -8.50
CA GLN B 191 -15.86 17.78 -9.64
C GLN B 191 -17.11 17.70 -10.52
N SER B 192 -17.82 16.57 -10.50
CA SER B 192 -18.99 16.41 -11.36
C SER B 192 -20.04 15.54 -10.65
N SER B 193 -21.18 15.34 -11.33
CA SER B 193 -22.20 14.42 -10.86
C SER B 193 -21.87 13.00 -11.34
N PRO B 194 -22.18 11.98 -10.54
CA PRO B 194 -21.96 10.61 -11.01
C PRO B 194 -22.91 10.27 -12.13
N PRO B 195 -22.56 9.34 -13.00
CA PRO B 195 -23.45 8.98 -14.11
C PRO B 195 -24.70 8.26 -13.62
N THR B 196 -25.71 8.25 -14.47
CA THR B 196 -26.98 7.62 -14.14
C THR B 196 -26.82 6.10 -14.05
N VAL B 197 -27.44 5.51 -13.02
CA VAL B 197 -27.43 4.06 -12.87
C VAL B 197 -28.15 3.41 -14.04
N GLU B 198 -27.56 2.34 -14.58
CA GLU B 198 -28.07 1.68 -15.77
C GLU B 198 -28.80 0.39 -15.42
N TRP B 199 -29.94 0.16 -16.09
CA TRP B 199 -30.76 -1.03 -15.86
C TRP B 199 -31.00 -1.76 -17.18
N HIS B 200 -31.16 -3.08 -17.07
CA HIS B 200 -31.31 -3.97 -18.23
C HIS B 200 -32.61 -4.75 -18.02
N ILE B 201 -32.57 -6.07 -17.91
CA ILE B 201 -33.78 -6.88 -17.74
C ILE B 201 -34.34 -6.70 -16.34
N SER B 202 -33.51 -6.85 -15.32
CA SER B 202 -33.94 -6.60 -13.95
C SER B 202 -34.23 -5.11 -13.77
N ARG B 203 -35.36 -4.80 -13.17
CA ARG B 203 -35.74 -3.41 -12.97
C ARG B 203 -35.55 -3.01 -11.50
N PRO B 204 -35.49 -1.73 -11.19
CA PRO B 204 -35.24 -1.30 -9.81
C PRO B 204 -36.22 -1.93 -8.83
N GLY B 205 -35.70 -2.43 -7.72
CA GLY B 205 -36.51 -3.02 -6.67
C GLY B 205 -36.84 -4.49 -6.85
N HIS B 206 -36.45 -5.10 -7.97
CA HIS B 206 -36.80 -6.49 -8.25
C HIS B 206 -35.59 -7.40 -8.05
N ILE B 207 -35.12 -7.41 -6.79
CA ILE B 207 -33.87 -8.07 -6.43
C ILE B 207 -33.93 -9.57 -6.71
N GLU B 208 -35.13 -10.16 -6.69
CA GLU B 208 -35.26 -11.59 -6.90
C GLU B 208 -34.87 -12.02 -8.30
N THR B 209 -34.87 -11.09 -9.27
CA THR B 209 -34.50 -11.42 -10.64
C THR B 209 -33.03 -11.11 -10.94
N PHE B 210 -32.31 -10.46 -10.03
CA PHE B 210 -30.92 -10.08 -10.27
C PHE B 210 -30.06 -11.32 -10.56
N ASP B 211 -29.23 -11.22 -11.60
CA ASP B 211 -28.33 -12.29 -11.99
C ASP B 211 -27.32 -11.71 -12.98
N LEU B 212 -26.37 -12.55 -13.38
CA LEU B 212 -25.29 -12.11 -14.26
C LEU B 212 -25.80 -11.50 -15.55
N LEU B 213 -26.82 -12.12 -16.17
CA LEU B 213 -27.27 -11.64 -17.48
C LEU B 213 -28.44 -10.65 -17.40
N THR B 214 -29.07 -10.51 -16.24
CA THR B 214 -30.24 -9.64 -16.12
C THR B 214 -29.92 -8.26 -15.57
N LEU B 215 -28.89 -8.13 -14.74
CA LEU B 215 -28.38 -6.80 -14.43
C LEU B 215 -27.64 -6.23 -15.64
N HIS B 216 -27.54 -4.91 -15.69
CA HIS B 216 -26.80 -4.29 -16.79
C HIS B 216 -25.31 -4.52 -16.59
N PRO B 217 -24.57 -4.97 -17.60
CA PRO B 217 -23.14 -5.23 -17.37
C PRO B 217 -22.36 -4.00 -16.95
N ILE B 218 -22.73 -2.81 -17.43
CA ILE B 218 -22.09 -1.59 -16.94
C ILE B 218 -22.28 -1.47 -15.45
N GLU B 219 -23.51 -1.70 -14.98
CA GLU B 219 -23.81 -1.46 -13.57
C GLU B 219 -23.26 -2.56 -12.68
N ILE B 220 -23.18 -3.79 -13.18
CA ILE B 220 -22.44 -4.83 -12.46
C ILE B 220 -21.02 -4.38 -12.20
N ALA B 221 -20.34 -3.90 -13.25
CA ALA B 221 -18.96 -3.48 -13.07
C ALA B 221 -18.85 -2.29 -12.14
N ARG B 222 -19.77 -1.32 -12.25
CA ARG B 222 -19.72 -0.14 -11.36
C ARG B 222 -19.93 -0.52 -9.91
N GLN B 223 -20.94 -1.35 -9.62
CA GLN B 223 -21.25 -1.65 -8.23
C GLN B 223 -20.19 -2.56 -7.62
N LEU B 224 -19.64 -3.49 -8.41
CA LEU B 224 -18.52 -4.28 -7.91
C LEU B 224 -17.30 -3.40 -7.68
N THR B 225 -17.10 -2.38 -8.52
CA THR B 225 -15.96 -1.49 -8.32
C THR B 225 -16.13 -0.67 -7.04
N LEU B 226 -17.33 -0.16 -6.76
CA LEU B 226 -17.56 0.53 -5.49
C LEU B 226 -17.31 -0.40 -4.31
N LEU B 227 -17.84 -1.63 -4.37
CA LEU B 227 -17.63 -2.60 -3.30
C LEU B 227 -16.15 -2.91 -3.10
N GLU B 228 -15.44 -3.17 -4.22
CA GLU B 228 -14.03 -3.57 -4.13
C GLU B 228 -13.16 -2.39 -3.74
N SER B 229 -13.53 -1.18 -4.16
CA SER B 229 -12.81 0.01 -3.72
C SER B 229 -12.96 0.19 -2.20
N ASP B 230 -14.19 0.08 -1.70
CA ASP B 230 -14.40 0.18 -0.24
C ASP B 230 -13.60 -0.88 0.51
N LEU B 231 -13.58 -2.12 0.01
CA LEU B 231 -12.81 -3.17 0.66
C LEU B 231 -11.31 -2.85 0.63
N TYR B 232 -10.82 -2.34 -0.51
CA TYR B 232 -9.40 -1.97 -0.62
C TYR B 232 -9.06 -0.84 0.36
N ARG B 233 -9.92 0.17 0.43
CA ARG B 233 -9.66 1.35 1.25
C ARG B 233 -9.72 1.05 2.75
N ALA B 234 -10.34 -0.05 3.16
CA ALA B 234 -10.51 -0.35 4.58
C ALA B 234 -9.28 -1.03 5.19
N VAL B 235 -8.31 -1.46 4.39
CA VAL B 235 -7.18 -2.24 4.93
C VAL B 235 -6.16 -1.28 5.53
N GLN B 236 -5.87 -1.46 6.80
CA GLN B 236 -4.91 -0.61 7.51
C GLN B 236 -3.55 -1.27 7.58
N PRO B 237 -2.48 -0.49 7.72
CA PRO B 237 -1.14 -1.09 7.82
C PRO B 237 -0.99 -2.07 8.98
N SER B 238 -1.74 -1.89 10.06
CA SER B 238 -1.69 -2.83 11.18
C SER B 238 -2.02 -4.25 10.77
N GLU B 239 -2.74 -4.43 9.66
N GLU B 239 -2.76 -4.44 9.67
CA GLU B 239 -3.08 -5.76 9.18
CA GLU B 239 -3.08 -5.77 9.19
C GLU B 239 -1.96 -6.38 8.35
C GLU B 239 -1.98 -6.38 8.35
N LEU B 240 -0.91 -5.63 8.08
CA LEU B 240 0.13 -6.03 7.15
C LEU B 240 1.51 -6.17 7.79
N VAL B 241 1.89 -5.24 8.66
CA VAL B 241 3.24 -5.30 9.22
C VAL B 241 3.38 -6.53 10.10
N GLY B 242 4.56 -7.13 10.08
CA GLY B 242 4.75 -8.37 10.81
C GLY B 242 4.20 -9.59 10.11
N SER B 243 3.76 -9.44 8.85
CA SER B 243 3.18 -10.51 8.06
C SER B 243 2.03 -11.21 8.78
N VAL B 244 1.26 -10.43 9.56
CA VAL B 244 0.30 -11.04 10.47
C VAL B 244 -0.87 -11.70 9.75
N TRP B 245 -1.14 -11.36 8.49
CA TRP B 245 -2.24 -12.00 7.76
C TRP B 245 -1.92 -13.44 7.36
N THR B 246 -0.67 -13.88 7.57
CA THR B 246 -0.26 -15.25 7.27
C THR B 246 -0.17 -16.11 8.52
N LYS B 247 -0.28 -15.52 9.71
CA LYS B 247 0.01 -16.20 10.97
C LYS B 247 -1.28 -16.74 11.59
N GLU B 248 -1.11 -17.44 12.74
CA GLU B 248 -2.24 -18.19 13.30
C GLU B 248 -3.39 -17.27 13.73
N ASP B 249 -3.09 -16.04 14.12
CA ASP B 249 -4.12 -15.09 14.54
C ASP B 249 -4.57 -14.17 13.41
N LYS B 250 -4.40 -14.58 12.16
CA LYS B 250 -4.76 -13.72 11.02
C LYS B 250 -6.20 -13.21 11.08
N GLU B 251 -7.14 -14.02 11.58
CA GLU B 251 -8.53 -13.54 11.58
C GLU B 251 -8.73 -12.41 12.56
N ILE B 252 -7.92 -12.37 13.63
CA ILE B 252 -7.98 -11.30 14.60
C ILE B 252 -7.26 -10.06 14.08
N ASN B 253 -6.08 -10.25 13.48
CA ASN B 253 -5.20 -9.14 13.15
C ASN B 253 -5.42 -8.56 11.77
N SER B 254 -5.98 -9.32 10.82
CA SER B 254 -6.12 -8.84 9.44
C SER B 254 -7.54 -9.03 8.88
N PRO B 255 -8.57 -8.66 9.65
CA PRO B 255 -9.94 -8.97 9.20
C PRO B 255 -10.38 -8.22 7.95
N ASN B 256 -9.98 -6.95 7.77
CA ASN B 256 -10.40 -6.24 6.56
C ASN B 256 -9.67 -6.78 5.33
N LEU B 257 -8.38 -7.09 5.46
CA LEU B 257 -7.69 -7.70 4.34
C LEU B 257 -8.34 -9.03 3.95
N LEU B 258 -8.63 -9.87 4.94
CA LEU B 258 -9.20 -11.18 4.61
C LEU B 258 -10.60 -11.04 4.00
N LYS B 259 -11.39 -10.08 4.48
N LYS B 259 -11.39 -10.08 4.47
CA LYS B 259 -12.70 -9.84 3.86
CA LYS B 259 -12.70 -9.86 3.86
C LYS B 259 -12.54 -9.44 2.40
C LYS B 259 -12.55 -9.42 2.41
N MET B 260 -11.53 -8.61 2.13
CA MET B 260 -11.28 -8.16 0.76
C MET B 260 -10.90 -9.34 -0.12
N ILE B 261 -9.99 -10.19 0.35
CA ILE B 261 -9.55 -11.34 -0.44
C ILE B 261 -10.69 -12.32 -0.63
N ARG B 262 -11.50 -12.54 0.40
CA ARG B 262 -12.58 -13.51 0.28
C ARG B 262 -13.65 -13.02 -0.69
N HIS B 263 -13.87 -11.70 -0.76
CA HIS B 263 -14.75 -11.19 -1.80
C HIS B 263 -14.22 -11.53 -3.18
N THR B 264 -12.93 -11.26 -3.41
CA THR B 264 -12.31 -11.53 -4.71
C THR B 264 -12.44 -13.00 -5.08
N THR B 265 -12.15 -13.88 -4.11
CA THR B 265 -12.26 -15.31 -4.37
C THR B 265 -13.70 -15.70 -4.69
N ASN B 266 -14.67 -15.18 -3.92
CA ASN B 266 -16.06 -15.52 -4.19
C ASN B 266 -16.52 -15.05 -5.58
N LEU B 267 -16.09 -13.86 -5.99
CA LEU B 267 -16.52 -13.39 -7.32
C LEU B 267 -15.91 -14.25 -8.42
N THR B 268 -14.64 -14.61 -8.28
CA THR B 268 -14.01 -15.48 -9.27
C THR B 268 -14.76 -16.80 -9.38
N LEU B 269 -15.06 -17.40 -8.22
CA LEU B 269 -15.80 -18.67 -8.23
C LEU B 269 -17.21 -18.50 -8.76
N TRP B 270 -17.85 -17.34 -8.52
CA TRP B 270 -19.18 -17.10 -9.09
C TRP B 270 -19.13 -17.04 -10.61
N PHE B 271 -18.12 -16.35 -11.15
CA PHE B 271 -17.96 -16.33 -12.61
C PHE B 271 -17.81 -17.74 -13.15
N GLU B 272 -16.95 -18.57 -12.52
CA GLU B 272 -16.78 -19.94 -12.96
C GLU B 272 -18.07 -20.73 -12.89
N LYS B 273 -18.81 -20.56 -11.78
CA LYS B 273 -20.06 -21.28 -11.60
C LYS B 273 -21.10 -20.87 -12.64
N CYS B 274 -21.22 -19.56 -12.91
CA CYS B 274 -22.13 -19.10 -13.96
C CYS B 274 -21.81 -19.76 -15.29
N ILE B 275 -20.53 -19.92 -15.59
CA ILE B 275 -20.11 -20.47 -16.88
C ILE B 275 -20.43 -21.96 -16.95
N VAL B 276 -19.93 -22.75 -16.00
CA VAL B 276 -20.04 -24.21 -16.15
C VAL B 276 -21.43 -24.72 -15.82
N GLU B 277 -22.25 -23.96 -15.08
CA GLU B 277 -23.64 -24.38 -14.85
C GLU B 277 -24.56 -23.99 -16.00
N THR B 278 -24.05 -23.28 -16.99
CA THR B 278 -24.81 -23.00 -18.21
C THR B 278 -24.43 -24.10 -19.21
N GLU B 279 -25.25 -25.16 -19.26
CA GLU B 279 -24.87 -26.34 -20.03
C GLU B 279 -25.07 -26.17 -21.53
N ASN B 280 -26.07 -25.38 -21.95
CA ASN B 280 -26.28 -25.11 -23.36
C ASN B 280 -25.13 -24.27 -23.92
N LEU B 281 -24.55 -24.72 -25.04
CA LEU B 281 -23.35 -24.07 -25.58
C LEU B 281 -23.62 -22.62 -25.96
N GLU B 282 -24.71 -22.37 -26.70
CA GLU B 282 -25.02 -21.00 -27.12
C GLU B 282 -25.22 -20.08 -25.90
N GLU B 283 -25.92 -20.57 -24.89
CA GLU B 283 -26.12 -19.76 -23.69
C GLU B 283 -24.81 -19.52 -22.95
N ARG B 284 -23.94 -20.53 -22.92
CA ARG B 284 -22.67 -20.39 -22.22
C ARG B 284 -21.76 -19.39 -22.92
N VAL B 285 -21.80 -19.35 -24.26
CA VAL B 285 -21.08 -18.32 -25.00
C VAL B 285 -21.56 -16.94 -24.61
N ALA B 286 -22.88 -16.76 -24.45
CA ALA B 286 -23.43 -15.48 -24.02
C ALA B 286 -22.94 -15.11 -22.63
N VAL B 287 -22.85 -16.11 -21.74
CA VAL B 287 -22.36 -15.87 -20.37
C VAL B 287 -20.90 -15.41 -20.40
N VAL B 288 -20.06 -16.13 -21.14
CA VAL B 288 -18.64 -15.77 -21.18
C VAL B 288 -18.47 -14.40 -21.83
N SER B 289 -19.20 -14.15 -22.91
N SER B 289 -19.20 -14.14 -22.91
CA SER B 289 -19.14 -12.85 -23.57
CA SER B 289 -19.12 -12.83 -23.56
C SER B 289 -19.54 -11.73 -22.61
C SER B 289 -19.53 -11.72 -22.61
N ARG B 290 -20.55 -11.96 -21.78
CA ARG B 290 -20.98 -10.94 -20.83
C ARG B 290 -19.90 -10.67 -19.79
N ILE B 291 -19.23 -11.73 -19.33
CA ILE B 291 -18.16 -11.56 -18.34
C ILE B 291 -17.00 -10.77 -18.92
N ILE B 292 -16.68 -11.00 -20.20
CA ILE B 292 -15.62 -10.20 -20.83
C ILE B 292 -16.05 -8.74 -21.00
N GLU B 293 -17.35 -8.47 -21.23
CA GLU B 293 -17.83 -7.10 -21.24
C GLU B 293 -17.67 -6.45 -19.86
N ILE B 294 -17.97 -7.19 -18.79
CA ILE B 294 -17.75 -6.66 -17.44
C ILE B 294 -16.27 -6.35 -17.26
N LEU B 295 -15.39 -7.24 -17.73
N LEU B 295 -15.40 -7.25 -17.72
CA LEU B 295 -13.95 -6.99 -17.66
CA LEU B 295 -13.96 -7.01 -17.69
C LEU B 295 -13.58 -5.69 -18.38
C LEU B 295 -13.60 -5.70 -18.37
N GLN B 296 -14.18 -5.45 -19.55
CA GLN B 296 -13.89 -4.22 -20.28
C GLN B 296 -14.24 -2.99 -19.45
N VAL B 297 -15.36 -3.03 -18.73
CA VAL B 297 -15.72 -1.87 -17.91
C VAL B 297 -14.81 -1.77 -16.69
N PHE B 298 -14.43 -2.91 -16.11
CA PHE B 298 -13.41 -2.89 -15.05
C PHE B 298 -12.14 -2.19 -15.52
N GLN B 299 -11.67 -2.50 -16.73
CA GLN B 299 -10.49 -1.82 -17.27
C GLN B 299 -10.71 -0.32 -17.39
N GLU B 300 -11.89 0.08 -17.88
CA GLU B 300 -12.17 1.50 -18.03
C GLU B 300 -12.19 2.23 -16.70
N LEU B 301 -12.61 1.54 -15.63
CA LEU B 301 -12.67 2.09 -14.28
C LEU B 301 -11.36 1.96 -13.51
N ASN B 302 -10.32 1.41 -14.12
CA ASN B 302 -9.05 1.11 -13.41
C ASN B 302 -9.28 0.21 -12.20
N ASN B 303 -10.27 -0.69 -12.28
CA ASN B 303 -10.45 -1.67 -11.20
C ASN B 303 -9.61 -2.89 -11.55
N PHE B 304 -8.35 -2.86 -11.13
CA PHE B 304 -7.46 -3.97 -11.48
C PHE B 304 -7.77 -5.22 -10.68
N ASN B 305 -8.27 -5.08 -9.44
CA ASN B 305 -8.75 -6.26 -8.72
C ASN B 305 -9.83 -6.96 -9.53
N GLY B 306 -10.77 -6.19 -10.08
CA GLY B 306 -11.84 -6.78 -10.88
C GLY B 306 -11.32 -7.42 -12.14
N VAL B 307 -10.40 -6.74 -12.83
CA VAL B 307 -9.76 -7.32 -14.02
C VAL B 307 -9.20 -8.70 -13.69
N LEU B 308 -8.45 -8.81 -12.60
CA LEU B 308 -7.79 -10.08 -12.30
C LEU B 308 -8.80 -11.13 -11.80
N GLU B 309 -9.90 -10.70 -11.17
CA GLU B 309 -10.98 -11.64 -10.82
C GLU B 309 -11.49 -12.36 -12.05
N VAL B 310 -11.67 -11.61 -13.15
CA VAL B 310 -12.16 -12.21 -14.38
C VAL B 310 -11.08 -13.08 -15.01
N VAL B 311 -9.86 -12.56 -15.10
CA VAL B 311 -8.75 -13.32 -15.68
C VAL B 311 -8.55 -14.64 -14.92
N SER B 312 -8.60 -14.59 -13.59
CA SER B 312 -8.43 -15.82 -12.81
C SER B 312 -9.53 -16.83 -13.12
N ALA B 313 -10.77 -16.34 -13.31
CA ALA B 313 -11.85 -17.26 -13.64
C ALA B 313 -11.64 -17.88 -15.01
N MET B 314 -11.22 -17.07 -16.00
CA MET B 314 -11.07 -17.57 -17.36
C MET B 314 -9.87 -18.51 -17.50
N ASN B 315 -8.90 -18.42 -16.59
CA ASN B 315 -7.73 -19.30 -16.60
C ASN B 315 -7.86 -20.46 -15.62
N SER B 316 -9.00 -20.58 -14.94
CA SER B 316 -9.21 -21.68 -14.02
C SER B 316 -9.36 -22.99 -14.78
N SER B 317 -9.02 -24.10 -14.11
CA SER B 317 -9.14 -25.40 -14.76
C SER B 317 -10.52 -25.67 -15.35
N PRO B 318 -11.64 -25.38 -14.68
CA PRO B 318 -12.94 -25.71 -15.30
C PRO B 318 -13.25 -24.90 -16.54
N VAL B 319 -12.81 -23.65 -16.62
CA VAL B 319 -13.19 -22.79 -17.73
C VAL B 319 -12.18 -22.85 -18.87
N TYR B 320 -10.88 -22.91 -18.52
CA TYR B 320 -9.82 -22.83 -19.52
C TYR B 320 -10.01 -23.88 -20.62
N ARG B 321 -10.50 -25.05 -20.25
CA ARG B 321 -10.57 -26.19 -21.16
C ARG B 321 -11.78 -26.17 -22.08
N LEU B 322 -12.66 -25.17 -22.01
CA LEU B 322 -13.91 -25.17 -22.78
C LEU B 322 -13.68 -24.63 -24.19
N ASP B 323 -12.99 -25.45 -25.00
CA ASP B 323 -12.60 -25.06 -26.34
C ASP B 323 -13.80 -24.75 -27.24
N HIS B 324 -14.91 -25.47 -27.10
CA HIS B 324 -16.06 -25.18 -27.96
C HIS B 324 -16.66 -23.82 -27.65
N THR B 325 -16.59 -23.40 -26.39
CA THR B 325 -17.06 -22.08 -25.98
C THR B 325 -16.10 -21.01 -26.49
N PHE B 326 -14.80 -21.24 -26.28
CA PHE B 326 -13.73 -20.36 -26.78
C PHE B 326 -13.87 -20.10 -28.27
N GLU B 327 -14.20 -21.13 -29.05
N GLU B 327 -14.18 -21.13 -29.06
CA GLU B 327 -14.22 -20.99 -30.50
CA GLU B 327 -14.20 -20.95 -30.51
C GLU B 327 -15.28 -19.99 -30.97
C GLU B 327 -15.25 -19.94 -30.95
N GLN B 328 -16.33 -19.76 -30.18
CA GLN B 328 -17.41 -18.88 -30.59
C GLN B 328 -17.29 -17.46 -30.04
N ILE B 329 -16.29 -17.19 -29.21
CA ILE B 329 -16.14 -15.84 -28.67
C ILE B 329 -15.58 -14.93 -29.76
N PRO B 330 -16.17 -13.76 -29.99
CA PRO B 330 -15.68 -12.86 -31.04
C PRO B 330 -14.21 -12.51 -30.85
N SER B 331 -13.52 -12.31 -31.97
N SER B 331 -13.51 -12.34 -31.98
CA SER B 331 -12.09 -12.00 -31.94
CA SER B 331 -12.09 -11.99 -31.95
C SER B 331 -11.80 -10.76 -31.10
C SER B 331 -11.81 -10.77 -31.07
N ARG B 332 -12.66 -9.75 -31.17
CA ARG B 332 -12.41 -8.54 -30.40
C ARG B 332 -12.47 -8.81 -28.90
N GLN B 333 -13.26 -9.80 -28.48
CA GLN B 333 -13.33 -10.10 -27.05
C GLN B 333 -12.17 -10.97 -26.62
N LYS B 334 -11.71 -11.87 -27.50
CA LYS B 334 -10.48 -12.59 -27.22
C LYS B 334 -9.33 -11.62 -27.02
N LYS B 335 -9.29 -10.55 -27.80
CA LYS B 335 -8.21 -9.58 -27.69
C LYS B 335 -8.28 -8.84 -26.36
N ILE B 336 -9.48 -8.48 -25.90
CA ILE B 336 -9.64 -7.84 -24.60
C ILE B 336 -9.15 -8.76 -23.49
N LEU B 337 -9.54 -10.03 -23.54
CA LEU B 337 -9.11 -10.97 -22.52
C LEU B 337 -7.60 -11.19 -22.58
N GLU B 338 -7.05 -11.27 -23.79
CA GLU B 338 -5.60 -11.46 -23.96
C GLU B 338 -4.83 -10.30 -23.35
N GLU B 339 -5.25 -9.06 -23.63
N GLU B 339 -5.22 -9.06 -23.70
CA GLU B 339 -4.51 -7.92 -23.11
CA GLU B 339 -4.57 -7.89 -23.11
C GLU B 339 -4.67 -7.78 -21.59
C GLU B 339 -4.61 -7.95 -21.59
N ALA B 340 -5.78 -8.27 -21.04
CA ALA B 340 -5.92 -8.31 -19.58
C ALA B 340 -5.00 -9.37 -18.98
N HIS B 341 -4.94 -10.55 -19.59
CA HIS B 341 -4.04 -11.58 -19.10
C HIS B 341 -2.59 -11.15 -19.20
N GLU B 342 -2.24 -10.40 -20.25
CA GLU B 342 -0.86 -9.95 -20.40
C GLU B 342 -0.40 -9.02 -19.27
N LEU B 343 -1.33 -8.37 -18.57
CA LEU B 343 -0.92 -7.57 -17.41
C LEU B 343 -0.19 -8.41 -16.36
N SER B 344 -0.58 -9.68 -16.22
CA SER B 344 -0.04 -10.54 -15.17
C SER B 344 1.24 -11.25 -15.58
N GLU B 345 1.55 -11.29 -16.88
CA GLU B 345 2.72 -12.02 -17.37
C GLU B 345 4.02 -11.39 -16.86
N ASP B 346 5.08 -12.20 -16.87
CA ASP B 346 6.41 -11.74 -16.48
C ASP B 346 6.37 -11.04 -15.13
N HIS B 347 5.75 -11.71 -14.14
CA HIS B 347 5.70 -11.22 -12.77
C HIS B 347 5.03 -9.85 -12.71
N TYR B 348 3.91 -9.73 -13.42
CA TYR B 348 3.05 -8.54 -13.40
C TYR B 348 3.73 -7.31 -13.98
N LYS B 349 4.69 -7.51 -14.88
CA LYS B 349 5.44 -6.36 -15.41
C LYS B 349 4.51 -5.30 -16.00
N LYS B 350 3.59 -5.70 -16.87
CA LYS B 350 2.74 -4.69 -17.52
C LYS B 350 1.70 -4.13 -16.55
N TYR B 351 1.23 -4.95 -15.61
CA TYR B 351 0.32 -4.44 -14.58
C TYR B 351 0.99 -3.32 -13.79
N LEU B 352 2.23 -3.57 -13.34
CA LEU B 352 2.91 -2.58 -12.50
C LEU B 352 3.08 -1.27 -13.25
N ALA B 353 3.43 -1.35 -14.53
CA ALA B 353 3.61 -0.14 -15.32
C ALA B 353 2.27 0.55 -15.54
N LYS B 354 1.19 -0.21 -15.75
CA LYS B 354 -0.11 0.41 -15.97
C LYS B 354 -0.62 1.10 -14.70
N LEU B 355 -0.49 0.43 -13.55
CA LEU B 355 -0.92 1.03 -12.29
C LEU B 355 -0.25 2.37 -12.06
N ARG B 356 1.03 2.47 -12.39
CA ARG B 356 1.81 3.67 -12.17
C ARG B 356 1.57 4.72 -13.25
N SER B 357 0.80 4.40 -14.29
CA SER B 357 0.54 5.37 -15.34
C SER B 357 -0.88 5.94 -15.33
N ILE B 358 -1.84 5.27 -14.70
CA ILE B 358 -3.23 5.70 -14.83
C ILE B 358 -3.53 6.90 -13.94
N ASN B 359 -4.70 7.50 -14.15
CA ASN B 359 -5.21 8.57 -13.32
C ASN B 359 -6.17 7.96 -12.32
N PRO B 360 -5.88 7.97 -11.02
CA PRO B 360 -6.81 7.40 -10.04
C PRO B 360 -8.13 8.16 -10.07
N PRO B 361 -9.21 7.59 -9.51
CA PRO B 361 -9.27 6.40 -8.65
C PRO B 361 -8.99 5.09 -9.37
N CYS B 362 -8.45 4.13 -8.61
CA CYS B 362 -8.24 2.77 -9.10
C CYS B 362 -8.44 1.82 -7.93
N VAL B 363 -8.53 0.53 -8.24
CA VAL B 363 -8.50 -0.51 -7.23
C VAL B 363 -7.32 -1.42 -7.54
N PRO B 364 -6.20 -1.28 -6.82
CA PRO B 364 -5.06 -2.16 -7.08
C PRO B 364 -5.38 -3.61 -6.77
N PHE B 365 -4.58 -4.50 -7.37
CA PHE B 365 -4.54 -5.89 -6.94
C PHE B 365 -3.65 -5.98 -5.70
N PHE B 366 -4.20 -6.48 -4.58
CA PHE B 366 -3.45 -6.45 -3.32
C PHE B 366 -2.38 -7.52 -3.23
N GLY B 367 -2.51 -8.61 -3.99
CA GLY B 367 -1.67 -9.77 -3.74
C GLY B 367 -0.18 -9.48 -3.92
N ILE B 368 0.17 -8.63 -4.89
CA ILE B 368 1.58 -8.29 -5.10
C ILE B 368 2.16 -7.61 -3.89
N TYR B 369 1.39 -6.68 -3.28
CA TYR B 369 1.85 -6.02 -2.07
C TYR B 369 2.10 -7.02 -0.95
N LEU B 370 1.21 -8.01 -0.81
CA LEU B 370 1.36 -8.99 0.25
C LEU B 370 2.65 -9.79 0.07
N THR B 371 2.89 -10.28 -1.15
CA THR B 371 4.11 -11.04 -1.40
C THR B 371 5.35 -10.18 -1.15
N ASN B 372 5.31 -8.91 -1.56
CA ASN B 372 6.51 -8.07 -1.38
C ASN B 372 6.74 -7.73 0.09
N ILE B 373 5.69 -7.50 0.87
CA ILE B 373 5.89 -7.25 2.30
C ILE B 373 6.42 -8.51 2.98
N LEU B 374 5.81 -9.66 2.69
N LEU B 374 5.81 -9.66 2.70
CA LEU B 374 6.24 -10.91 3.31
CA LEU B 374 6.25 -10.90 3.31
C LEU B 374 7.71 -11.21 2.99
C LEU B 374 7.72 -11.18 3.00
N LYS B 375 8.10 -11.06 1.73
CA LYS B 375 9.47 -11.40 1.35
C LYS B 375 10.47 -10.38 1.88
N THR B 376 10.08 -9.11 1.98
CA THR B 376 10.95 -8.13 2.62
C THR B 376 11.18 -8.48 4.09
N GLU B 377 10.12 -8.89 4.79
N GLU B 377 10.13 -8.93 4.79
CA GLU B 377 10.27 -9.28 6.19
CA GLU B 377 10.30 -9.24 6.20
C GLU B 377 11.16 -10.51 6.32
C GLU B 377 11.04 -10.56 6.41
N GLU B 378 10.88 -11.52 5.50
CA GLU B 378 11.55 -12.80 5.66
C GLU B 378 13.00 -12.75 5.19
N GLY B 379 13.31 -11.88 4.24
CA GLY B 379 14.60 -11.89 3.58
C GLY B 379 15.62 -10.92 4.11
N ASN B 380 15.30 -10.20 5.20
CA ASN B 380 16.21 -9.23 5.78
C ASN B 380 16.28 -9.43 7.29
N PRO B 381 17.44 -9.25 7.90
CA PRO B 381 17.56 -9.49 9.34
C PRO B 381 16.99 -8.34 10.16
N GLU B 382 16.48 -8.69 11.34
CA GLU B 382 15.97 -7.67 12.26
C GLU B 382 17.07 -6.73 12.74
N VAL B 383 18.28 -7.24 12.93
CA VAL B 383 19.36 -6.44 13.47
C VAL B 383 20.60 -6.58 12.60
N LEU B 384 21.44 -5.57 12.64
CA LEU B 384 22.79 -5.64 12.08
C LEU B 384 23.78 -5.61 13.23
N LYS B 385 24.79 -6.46 13.16
CA LYS B 385 25.82 -6.54 14.20
C LYS B 385 27.03 -5.74 13.73
N ARG B 386 27.42 -4.75 14.52
CA ARG B 386 28.48 -3.82 14.16
C ARG B 386 29.25 -3.49 15.43
N HIS B 387 30.56 -3.72 15.41
CA HIS B 387 31.45 -3.35 16.52
C HIS B 387 30.95 -3.93 17.85
N GLY B 388 30.46 -5.17 17.81
CA GLY B 388 29.95 -5.83 18.99
C GLY B 388 28.56 -5.40 19.43
N LYS B 389 27.95 -4.44 18.77
CA LYS B 389 26.62 -3.96 19.11
C LYS B 389 25.58 -4.52 18.15
N GLU B 390 24.34 -4.62 18.63
CA GLU B 390 23.23 -4.98 17.78
C GLU B 390 22.47 -3.70 17.46
N LEU B 391 22.39 -3.36 16.18
CA LEU B 391 21.66 -2.18 15.73
C LEU B 391 20.39 -2.61 15.03
N ILE B 392 19.30 -1.86 15.26
CA ILE B 392 18.05 -2.15 14.55
C ILE B 392 18.26 -1.91 13.07
N ASN B 393 17.91 -2.91 12.25
CA ASN B 393 18.02 -2.78 10.80
C ASN B 393 16.84 -1.94 10.32
N PHE B 394 17.05 -0.63 10.22
CA PHE B 394 15.92 0.23 9.88
C PHE B 394 15.63 0.22 8.38
N SER B 395 16.63 -0.05 7.55
N SER B 395 16.64 -0.04 7.55
N SER B 395 16.62 -0.07 7.54
CA SER B 395 16.41 -0.12 6.10
CA SER B 395 16.44 -0.14 6.11
CA SER B 395 16.38 -0.10 6.09
C SER B 395 15.32 -1.13 5.78
C SER B 395 15.34 -1.13 5.77
C SER B 395 15.37 -1.18 5.70
N LYS B 396 15.28 -2.26 6.49
CA LYS B 396 14.23 -3.25 6.27
C LYS B 396 12.85 -2.67 6.56
N ARG B 397 12.74 -1.90 7.63
CA ARG B 397 11.46 -1.27 7.96
C ARG B 397 11.08 -0.20 6.95
N ARG B 398 12.05 0.59 6.49
CA ARG B 398 11.76 1.56 5.43
C ARG B 398 11.20 0.88 4.19
N LYS B 399 11.77 -0.27 3.80
CA LYS B 399 11.25 -0.99 2.64
C LYS B 399 9.80 -1.43 2.84
N VAL B 400 9.46 -1.94 4.03
CA VAL B 400 8.07 -2.31 4.29
C VAL B 400 7.17 -1.09 4.22
N ALA B 401 7.60 0.02 4.82
CA ALA B 401 6.77 1.22 4.82
C ALA B 401 6.67 1.88 3.44
N GLU B 402 7.62 1.61 2.55
CA GLU B 402 7.45 2.10 1.17
C GLU B 402 6.27 1.39 0.53
N ILE B 403 6.10 0.11 0.83
CA ILE B 403 4.97 -0.63 0.28
C ILE B 403 3.66 -0.18 0.92
N THR B 404 3.62 -0.07 2.26
CA THR B 404 2.39 0.39 2.89
C THR B 404 2.05 1.82 2.46
N GLY B 405 3.06 2.66 2.22
CA GLY B 405 2.78 4.00 1.72
C GLY B 405 2.16 4.00 0.33
N GLU B 406 2.63 3.10 -0.54
N GLU B 406 2.64 3.12 -0.55
CA GLU B 406 2.05 2.98 -1.87
CA GLU B 406 2.03 3.01 -1.87
C GLU B 406 0.60 2.51 -1.81
C GLU B 406 0.57 2.57 -1.75
N ILE B 407 0.31 1.56 -0.92
CA ILE B 407 -1.07 1.13 -0.70
C ILE B 407 -1.93 2.31 -0.28
N GLN B 408 -1.45 3.07 0.71
CA GLN B 408 -2.23 4.19 1.23
C GLN B 408 -2.47 5.25 0.18
N GLN B 409 -1.49 5.49 -0.71
CA GLN B 409 -1.65 6.53 -1.72
C GLN B 409 -2.86 6.24 -2.61
N TYR B 410 -3.08 4.96 -2.94
CA TYR B 410 -4.24 4.62 -3.77
C TYR B 410 -5.53 4.48 -2.97
N GLN B 411 -5.48 4.57 -1.64
CA GLN B 411 -6.69 4.53 -0.84
C GLN B 411 -7.35 5.88 -0.70
N ASN B 412 -6.74 6.95 -1.22
CA ASN B 412 -7.27 8.28 -0.95
C ASN B 412 -8.42 8.68 -1.88
N GLN B 413 -8.36 8.27 -3.15
CA GLN B 413 -9.23 8.85 -4.18
C GLN B 413 -10.54 8.08 -4.26
N PRO B 414 -11.69 8.73 -4.07
CA PRO B 414 -12.98 8.05 -4.15
C PRO B 414 -13.52 8.01 -5.56
N TYR B 415 -14.31 6.97 -5.85
CA TYR B 415 -14.99 6.87 -7.15
C TYR B 415 -16.22 7.74 -7.21
N CYS B 416 -16.38 8.45 -8.33
CA CYS B 416 -17.58 9.25 -8.56
C CYS B 416 -18.63 8.37 -9.25
N LEU B 417 -19.17 7.44 -8.46
CA LEU B 417 -20.20 6.52 -8.91
C LEU B 417 -21.26 6.41 -7.83
N ARG B 418 -22.52 6.32 -8.23
CA ARG B 418 -23.62 6.22 -7.29
C ARG B 418 -23.83 4.78 -6.84
N VAL B 419 -24.00 4.57 -5.53
CA VAL B 419 -24.33 3.26 -5.02
C VAL B 419 -25.77 2.93 -5.38
N GLU B 420 -26.01 1.67 -5.76
CA GLU B 420 -27.36 1.11 -5.88
C GLU B 420 -27.46 0.07 -4.77
N SER B 421 -28.28 0.36 -3.76
N SER B 421 -28.27 0.37 -3.75
CA SER B 421 -28.24 -0.41 -2.52
CA SER B 421 -28.20 -0.43 -2.52
C SER B 421 -28.62 -1.87 -2.74
C SER B 421 -28.62 -1.88 -2.73
N ASP B 422 -29.58 -2.13 -3.63
CA ASP B 422 -29.99 -3.51 -3.88
C ASP B 422 -28.94 -4.29 -4.67
N ILE B 423 -28.33 -3.66 -5.68
CA ILE B 423 -27.27 -4.36 -6.40
C ILE B 423 -26.07 -4.59 -5.49
N LYS B 424 -25.74 -3.60 -4.65
N LYS B 424 -25.73 -3.60 -4.67
CA LYS B 424 -24.66 -3.77 -3.69
CA LYS B 424 -24.67 -3.75 -3.68
C LYS B 424 -24.94 -4.95 -2.76
C LYS B 424 -24.94 -4.94 -2.76
N ARG B 425 -26.17 -5.04 -2.23
CA ARG B 425 -26.51 -6.14 -1.34
C ARG B 425 -26.42 -7.48 -2.05
N PHE B 426 -26.86 -7.53 -3.31
CA PHE B 426 -26.76 -8.75 -4.09
C PHE B 426 -25.32 -9.26 -4.16
N PHE B 427 -24.36 -8.36 -4.43
CA PHE B 427 -22.99 -8.82 -4.53
C PHE B 427 -22.34 -9.02 -3.16
N GLU B 428 -22.80 -8.30 -2.14
CA GLU B 428 -22.29 -8.58 -0.79
C GLU B 428 -22.70 -9.96 -0.31
N ASN B 429 -23.86 -10.43 -0.70
CA ASN B 429 -24.41 -11.69 -0.22
C ASN B 429 -24.13 -12.86 -1.17
N LEU B 430 -23.39 -12.62 -2.25
CA LEU B 430 -23.05 -13.69 -3.18
C LEU B 430 -22.31 -14.81 -2.44
N ASN B 431 -22.73 -16.05 -2.67
CA ASN B 431 -22.15 -17.20 -1.94
C ASN B 431 -22.16 -18.42 -2.84
N PRO B 432 -21.30 -18.44 -3.87
CA PRO B 432 -21.38 -19.53 -4.85
C PRO B 432 -21.13 -20.91 -4.27
N MET B 433 -20.29 -21.03 -3.22
N MET B 433 -20.30 -21.03 -3.22
CA MET B 433 -20.00 -22.34 -2.66
CA MET B 433 -20.00 -22.34 -2.66
C MET B 433 -21.13 -22.87 -1.77
C MET B 433 -21.12 -22.87 -1.77
N GLY B 434 -22.05 -22.01 -1.34
CA GLY B 434 -23.13 -22.49 -0.48
C GLY B 434 -22.55 -23.03 0.82
N ASN B 435 -23.03 -24.20 1.25
CA ASN B 435 -22.48 -24.85 2.44
C ASN B 435 -21.33 -25.80 2.12
N SER B 436 -20.91 -25.88 0.86
CA SER B 436 -19.89 -26.84 0.46
C SER B 436 -18.51 -26.37 0.86
N MET B 437 -17.64 -27.32 1.18
CA MET B 437 -16.24 -27.02 1.39
C MET B 437 -15.54 -26.76 0.05
N GLU B 438 -14.36 -26.13 0.13
CA GLU B 438 -13.67 -25.66 -1.07
C GLU B 438 -13.36 -26.81 -2.04
N LYS B 439 -12.78 -27.90 -1.53
CA LYS B 439 -12.38 -28.99 -2.42
C LYS B 439 -13.60 -29.61 -3.10
N GLU B 440 -14.62 -29.94 -2.29
N GLU B 440 -14.67 -29.85 -2.32
CA GLU B 440 -15.94 -30.36 -2.75
CA GLU B 440 -15.87 -30.44 -2.91
C GLU B 440 -16.41 -29.49 -3.92
C GLU B 440 -16.51 -29.50 -3.92
N PHE B 441 -16.44 -28.18 -3.70
CA PHE B 441 -17.01 -27.27 -4.67
C PHE B 441 -16.17 -27.16 -5.94
N THR B 442 -14.84 -27.06 -5.79
CA THR B 442 -14.04 -26.92 -7.01
C THR B 442 -13.98 -28.23 -7.79
N ASP B 443 -14.09 -29.38 -7.11
CA ASP B 443 -14.27 -30.64 -7.84
C ASP B 443 -15.60 -30.65 -8.58
N TYR B 444 -16.65 -30.12 -7.96
CA TYR B 444 -17.94 -30.01 -8.62
C TYR B 444 -17.84 -29.17 -9.89
N LEU B 445 -17.16 -28.02 -9.82
CA LEU B 445 -17.03 -27.16 -11.00
C LEU B 445 -16.29 -27.88 -12.12
N PHE B 446 -15.24 -28.63 -11.77
CA PHE B 446 -14.48 -29.31 -12.80
C PHE B 446 -15.29 -30.46 -13.41
N ASN B 447 -16.03 -31.18 -12.57
CA ASN B 447 -16.87 -32.24 -13.12
C ASN B 447 -17.98 -31.68 -14.00
N LYS B 448 -18.51 -30.49 -13.68
N LYS B 448 -18.47 -30.49 -13.69
CA LYS B 448 -19.46 -29.86 -14.60
CA LYS B 448 -19.44 -29.84 -14.55
C LYS B 448 -18.80 -29.54 -15.93
C LYS B 448 -18.82 -29.47 -15.90
N SER B 449 -17.58 -29.00 -15.89
CA SER B 449 -16.84 -28.73 -17.12
C SER B 449 -16.73 -29.99 -17.97
N LEU B 450 -16.36 -31.11 -17.34
CA LEU B 450 -16.25 -32.37 -18.06
C LEU B 450 -17.59 -32.82 -18.62
N GLU B 451 -18.68 -32.54 -17.90
CA GLU B 451 -20.00 -32.92 -18.39
C GLU B 451 -20.40 -32.14 -19.64
N ILE B 452 -20.19 -30.82 -19.61
CA ILE B 452 -20.71 -29.97 -20.69
C ILE B 452 -19.82 -30.01 -21.92
N GLU B 453 -18.51 -30.26 -21.77
CA GLU B 453 -17.61 -30.45 -22.90
C GLU B 453 -16.68 -31.59 -22.55
N PRO B 454 -17.07 -32.82 -22.84
CA PRO B 454 -16.26 -33.98 -22.45
C PRO B 454 -14.91 -34.02 -23.17
N ARG B 455 -13.96 -34.69 -22.52
N ARG B 455 -13.95 -34.67 -22.52
CA ARG B 455 -12.64 -34.88 -23.12
CA ARG B 455 -12.63 -34.88 -23.11
C ARG B 455 -12.76 -35.65 -24.42
C ARG B 455 -12.74 -35.66 -24.41
N ASN B 456 -12.00 -35.24 -25.42
CA ASN B 456 -11.92 -36.01 -26.65
C ASN B 456 -11.38 -37.40 -26.34
N PRO B 457 -11.86 -38.45 -27.04
CA PRO B 457 -12.77 -38.41 -28.19
C PRO B 457 -14.25 -38.58 -27.85
N LYS B 458 -14.65 -38.34 -26.60
CA LYS B 458 -16.06 -38.44 -26.27
C LYS B 458 -16.84 -37.36 -27.03
N PRO B 459 -18.01 -37.70 -27.56
CA PRO B 459 -18.75 -36.70 -28.35
C PRO B 459 -19.29 -35.58 -27.49
N LEU B 460 -19.48 -34.44 -28.14
CA LEU B 460 -20.03 -33.27 -27.48
C LEU B 460 -21.55 -33.42 -27.40
N PRO B 461 -22.13 -33.47 -26.21
CA PRO B 461 -23.59 -33.55 -26.10
C PRO B 461 -24.24 -32.20 -26.36
N ARG B 462 -25.56 -32.25 -26.51
CA ARG B 462 -26.40 -31.06 -26.56
C ARG B 462 -27.17 -30.96 -25.25
N PHE B 463 -27.49 -29.73 -24.85
CA PHE B 463 -28.20 -29.49 -23.60
C PHE B 463 -29.29 -28.47 -23.82
N PRO B 464 -30.39 -28.56 -23.08
CA PRO B 464 -31.48 -27.58 -23.22
C PRO B 464 -31.10 -26.20 -22.68
N LYS B 465 -31.75 -25.19 -23.24
CA LYS B 465 -31.63 -23.83 -22.72
C LYS B 465 -32.19 -23.72 -21.31
N LYS B 466 -31.60 -22.83 -20.51
CA LYS B 466 -32.08 -22.58 -19.15
C LYS B 466 -32.59 -21.17 -18.93
N TYR B 467 -32.29 -20.22 -19.82
CA TYR B 467 -32.68 -18.83 -19.64
C TYR B 467 -33.88 -18.53 -20.50
N SER B 468 -34.91 -17.94 -19.92
CA SER B 468 -36.12 -17.62 -20.67
C SER B 468 -36.14 -16.20 -21.21
N TYR B 469 -35.15 -15.39 -20.87
CA TYR B 469 -35.08 -13.99 -21.26
C TYR B 469 -34.06 -13.80 -22.37
N PRO B 470 -34.05 -12.64 -23.05
CA PRO B 470 -33.11 -12.45 -24.16
C PRO B 470 -31.66 -12.49 -23.67
N LEU B 471 -30.81 -13.12 -24.47
CA LEU B 471 -29.38 -13.23 -24.19
C LEU B 471 -28.59 -12.06 -24.75
N LYS B 472 -29.17 -11.24 -25.62
CA LYS B 472 -28.41 -10.18 -26.27
C LYS B 472 -27.94 -9.15 -25.24
N SER B 473 -26.66 -8.82 -25.26
CA SER B 473 -26.15 -7.83 -24.33
C SER B 473 -26.62 -6.43 -24.72
N PRO B 474 -26.90 -5.56 -23.73
CA PRO B 474 -27.13 -4.14 -24.05
C PRO B 474 -25.84 -3.39 -24.35
N GLY B 475 -24.68 -4.04 -24.21
CA GLY B 475 -23.41 -3.40 -24.49
C GLY B 475 -22.88 -2.65 -23.28
N VAL B 476 -21.68 -2.10 -23.43
CA VAL B 476 -21.03 -1.46 -22.30
C VAL B 476 -20.72 0.02 -22.56
N ARG B 477 -21.32 0.60 -23.57
CA ARG B 477 -21.22 2.05 -23.68
C ARG B 477 -22.40 2.70 -22.97
N PRO B 478 -22.16 3.68 -22.11
CA PRO B 478 -23.25 4.24 -21.28
C PRO B 478 -24.23 5.08 -22.09
N SER B 479 -25.45 5.17 -21.55
CA SER B 479 -26.53 5.96 -22.12
C SER B 479 -26.75 7.18 -21.25
N ASN B 480 -27.37 8.23 -21.82
CA ASN B 480 -27.59 9.47 -21.09
C ASN B 480 -28.84 10.15 -21.57
N PRO B 481 -29.99 9.88 -20.95
CA PRO B 481 -31.18 10.70 -21.18
C PRO B 481 -31.01 12.05 -20.50
N ARG B 482 -31.90 12.98 -20.87
CA ARG B 482 -31.85 14.30 -20.24
C ARG B 482 -32.22 14.19 -18.76
N GLY C 1 19.47 -19.22 -27.34
CA GLY C 1 20.55 -19.41 -26.40
C GLY C 1 20.25 -20.45 -25.34
N MET C 2 20.38 -20.05 -24.08
CA MET C 2 20.25 -21.00 -22.98
C MET C 2 18.78 -21.22 -22.63
N THR C 3 18.50 -22.43 -22.15
CA THR C 3 17.14 -22.81 -21.79
C THR C 3 16.71 -22.08 -20.52
N GLU C 4 15.46 -21.62 -20.52
CA GLU C 4 14.85 -21.03 -19.34
C GLU C 4 13.83 -22.03 -18.79
N TYR C 5 13.87 -22.25 -17.47
CA TYR C 5 12.92 -23.12 -16.80
C TYR C 5 12.02 -22.28 -15.92
N LYS C 6 10.71 -22.43 -16.12
CA LYS C 6 9.71 -21.73 -15.31
C LYS C 6 9.33 -22.65 -14.14
N LEU C 7 9.80 -22.32 -12.94
CA LEU C 7 9.54 -23.13 -11.76
C LEU C 7 8.54 -22.41 -10.88
N VAL C 8 7.66 -23.19 -10.24
CA VAL C 8 6.61 -22.64 -9.39
C VAL C 8 6.69 -23.29 -8.01
N VAL C 9 6.73 -22.46 -6.97
CA VAL C 9 6.74 -22.90 -5.58
C VAL C 9 5.31 -22.87 -5.07
N VAL C 10 4.84 -24.00 -4.51
CA VAL C 10 3.50 -24.07 -3.94
C VAL C 10 3.58 -24.66 -2.53
N GLY C 11 2.62 -24.32 -1.70
CA GLY C 11 2.55 -24.91 -0.37
C GLY C 11 1.86 -23.99 0.60
N ALA C 12 1.57 -24.53 1.77
CA ALA C 12 0.86 -23.80 2.82
C ALA C 12 1.59 -22.51 3.19
N GLY C 13 0.79 -21.49 3.56
CA GLY C 13 1.36 -20.24 4.03
C GLY C 13 1.69 -20.26 5.52
N GLY C 14 2.36 -19.19 5.96
CA GLY C 14 2.60 -18.96 7.37
C GLY C 14 3.66 -19.84 8.00
N VAL C 15 4.39 -20.62 7.20
CA VAL C 15 5.36 -21.56 7.76
C VAL C 15 6.71 -21.48 7.04
N GLY C 16 7.07 -20.30 6.56
CA GLY C 16 8.44 -20.08 6.08
C GLY C 16 8.75 -20.55 4.68
N LYS C 17 7.74 -20.86 3.87
CA LYS C 17 7.93 -21.31 2.49
C LYS C 17 8.83 -20.37 1.69
N SER C 18 8.69 -19.05 1.88
CA SER C 18 9.41 -18.07 1.06
C SER C 18 10.92 -18.14 1.24
N ALA C 19 11.41 -18.74 2.33
CA ALA C 19 12.84 -18.79 2.57
C ALA C 19 13.57 -19.60 1.51
N LEU C 20 12.88 -20.57 0.90
N LEU C 20 12.87 -20.54 0.87
CA LEU C 20 13.50 -21.40 -0.12
CA LEU C 20 13.52 -21.41 -0.11
C LEU C 20 14.04 -20.54 -1.27
C LEU C 20 14.02 -20.61 -1.32
N THR C 21 13.16 -19.79 -1.92
CA THR C 21 13.58 -19.03 -3.08
C THR C 21 14.45 -17.85 -2.70
N ILE C 22 14.17 -17.20 -1.56
CA ILE C 22 15.00 -16.10 -1.10
C ILE C 22 16.43 -16.57 -0.92
N GLN C 23 16.63 -17.72 -0.27
CA GLN C 23 17.99 -18.18 -0.02
C GLN C 23 18.70 -18.57 -1.32
N LEU C 24 17.95 -19.14 -2.26
CA LEU C 24 18.54 -19.49 -3.56
C LEU C 24 19.01 -18.25 -4.29
N ILE C 25 18.08 -17.32 -4.56
CA ILE C 25 18.30 -16.16 -5.40
C ILE C 25 19.17 -15.14 -4.72
N GLN C 26 19.17 -15.15 -3.39
CA GLN C 26 19.93 -14.18 -2.62
C GLN C 26 21.35 -14.08 -3.12
N ASN C 27 21.92 -12.90 -2.95
CA ASN C 27 23.33 -12.85 -2.61
C ASN C 27 23.48 -13.93 -1.56
N HIS C 28 23.93 -15.13 -1.97
CA HIS C 28 24.03 -16.24 -1.02
C HIS C 28 24.67 -15.77 0.29
N PHE C 29 25.67 -14.89 0.19
CA PHE C 29 26.53 -14.55 1.30
C PHE C 29 26.26 -13.18 1.92
N VAL C 30 25.20 -12.48 1.52
CA VAL C 30 24.72 -11.32 2.28
C VAL C 30 23.24 -11.52 2.52
N ASP C 31 22.83 -11.57 3.78
CA ASP C 31 21.45 -11.81 4.15
C ASP C 31 20.68 -10.52 3.95
N GLU C 32 20.07 -10.38 2.78
CA GLU C 32 19.43 -9.15 2.30
C GLU C 32 18.56 -9.50 1.10
N TYR C 33 17.51 -8.69 0.88
CA TYR C 33 16.59 -8.97 -0.21
C TYR C 33 15.71 -7.75 -0.49
N ASP C 34 15.56 -7.42 -1.77
CA ASP C 34 14.49 -6.51 -2.20
C ASP C 34 13.67 -7.26 -3.24
N PRO C 35 12.50 -7.77 -2.87
CA PRO C 35 11.69 -8.55 -3.83
C PRO C 35 11.08 -7.71 -4.92
N THR C 36 11.01 -6.38 -4.73
CA THR C 36 10.40 -5.54 -5.75
C THR C 36 11.33 -5.35 -6.93
N ILE C 37 12.58 -5.77 -6.83
CA ILE C 37 13.57 -5.50 -7.86
C ILE C 37 13.34 -6.46 -9.01
N GLU C 38 12.96 -5.90 -10.16
CA GLU C 38 12.85 -6.61 -11.42
C GLU C 38 13.94 -7.66 -11.53
N ASP C 39 13.54 -8.92 -11.51
CA ASP C 39 14.43 -10.07 -11.61
C ASP C 39 15.18 -10.30 -10.31
N SER C 40 14.45 -10.24 -9.19
N SER C 40 14.47 -10.24 -9.18
CA SER C 40 14.84 -10.86 -7.92
CA SER C 40 14.89 -10.87 -7.94
C SER C 40 14.38 -12.31 -7.85
C SER C 40 14.37 -12.30 -7.85
N TYR C 41 14.00 -12.88 -8.98
CA TYR C 41 13.42 -14.22 -9.07
C TYR C 41 13.90 -14.90 -10.35
N ARG C 42 14.96 -14.37 -10.96
CA ARG C 42 15.64 -14.98 -12.08
C ARG C 42 17.10 -15.21 -11.71
N LYS C 43 17.61 -16.39 -12.04
CA LYS C 43 18.98 -16.74 -11.66
C LYS C 43 19.58 -17.65 -12.71
N GLN C 44 20.74 -17.26 -13.23
CA GLN C 44 21.50 -18.10 -14.14
C GLN C 44 22.34 -19.08 -13.33
N VAL C 45 22.24 -20.36 -13.66
CA VAL C 45 22.94 -21.42 -12.92
C VAL C 45 23.50 -22.43 -13.90
N VAL C 46 24.46 -23.21 -13.42
CA VAL C 46 25.04 -24.32 -14.17
C VAL C 46 24.68 -25.60 -13.46
N ILE C 47 23.92 -26.47 -14.12
CA ILE C 47 23.45 -27.73 -13.55
C ILE C 47 23.98 -28.86 -14.43
N ASP C 48 24.82 -29.72 -13.86
CA ASP C 48 25.44 -30.82 -14.59
C ASP C 48 26.18 -30.30 -15.82
N GLY C 49 26.87 -29.18 -15.64
CA GLY C 49 27.67 -28.60 -16.70
C GLY C 49 26.90 -27.85 -17.77
N GLU C 50 25.58 -27.71 -17.64
CA GLU C 50 24.76 -27.04 -18.64
C GLU C 50 24.16 -25.78 -18.03
N THR C 51 24.50 -24.63 -18.62
CA THR C 51 24.01 -23.35 -18.13
C THR C 51 22.56 -23.14 -18.51
N CYS C 52 21.76 -22.66 -17.55
CA CYS C 52 20.36 -22.38 -17.81
C CYS C 52 19.93 -21.22 -16.93
N LEU C 53 18.73 -20.73 -17.20
CA LEU C 53 18.13 -19.62 -16.47
C LEU C 53 16.91 -20.14 -15.72
N LEU C 54 16.87 -19.91 -14.41
CA LEU C 54 15.71 -20.28 -13.61
C LEU C 54 14.83 -19.03 -13.44
N ASP C 55 13.56 -19.16 -13.78
CA ASP C 55 12.57 -18.14 -13.46
C ASP C 55 11.64 -18.74 -12.42
N ILE C 56 11.65 -18.20 -11.21
CA ILE C 56 10.93 -18.82 -10.09
C ILE C 56 9.74 -17.96 -9.72
N LEU C 57 8.56 -18.57 -9.71
CA LEU C 57 7.35 -17.92 -9.23
C LEU C 57 7.05 -18.43 -7.83
N ASP C 58 7.09 -17.52 -6.85
CA ASP C 58 6.73 -17.84 -5.47
C ASP C 58 5.77 -16.76 -5.02
N THR C 59 4.47 -17.09 -4.94
CA THR C 59 3.44 -16.14 -4.55
C THR C 59 3.18 -16.17 -3.06
N ALA C 60 4.17 -16.58 -2.26
CA ALA C 60 4.06 -16.59 -0.82
C ALA C 60 3.38 -15.33 -0.31
N GLY C 61 2.40 -15.51 0.56
CA GLY C 61 1.60 -14.42 1.08
C GLY C 61 0.26 -14.29 0.42
N GLN C 62 0.06 -14.89 -0.76
CA GLN C 62 -1.21 -14.82 -1.48
C GLN C 62 -2.05 -16.08 -1.34
N GLU C 63 -1.79 -16.88 -0.30
CA GLU C 63 -2.46 -18.18 -0.20
C GLU C 63 -3.98 -18.04 -0.08
N GLU C 64 -4.47 -16.94 0.50
CA GLU C 64 -5.92 -16.80 0.64
C GLU C 64 -6.60 -16.54 -0.71
N TYR C 65 -5.86 -16.11 -1.74
CA TYR C 65 -6.40 -15.99 -3.10
C TYR C 65 -6.46 -17.39 -3.75
N SER C 66 -7.32 -18.24 -3.19
CA SER C 66 -7.29 -19.64 -3.57
C SER C 66 -7.80 -19.87 -4.99
N ALA C 67 -8.61 -18.95 -5.52
CA ALA C 67 -9.11 -19.11 -6.87
C ALA C 67 -8.10 -18.64 -7.92
N MET C 68 -6.95 -18.11 -7.51
CA MET C 68 -5.89 -17.75 -8.42
C MET C 68 -4.85 -18.86 -8.59
N ARG C 69 -4.96 -19.95 -7.82
CA ARG C 69 -3.93 -20.98 -7.88
C ARG C 69 -3.77 -21.53 -9.29
N ASP C 70 -4.89 -21.80 -9.98
CA ASP C 70 -4.79 -22.33 -11.33
C ASP C 70 -4.05 -21.38 -12.25
N GLN C 71 -4.45 -20.10 -12.23
CA GLN C 71 -3.79 -19.05 -13.00
C GLN C 71 -2.28 -19.04 -12.79
N TYR C 72 -1.84 -19.07 -11.52
CA TYR C 72 -0.42 -19.06 -11.24
C TYR C 72 0.26 -20.37 -11.66
N MET C 73 -0.37 -21.51 -11.36
CA MET C 73 0.26 -22.81 -11.62
C MET C 73 0.41 -23.07 -13.11
N ARG C 74 -0.54 -22.59 -13.91
CA ARG C 74 -0.56 -22.86 -15.35
C ARG C 74 0.77 -22.45 -15.99
N THR C 75 1.44 -21.45 -15.43
CA THR C 75 2.67 -20.90 -15.98
C THR C 75 3.87 -21.84 -15.84
N GLY C 76 3.80 -22.85 -14.97
CA GLY C 76 4.98 -23.57 -14.57
C GLY C 76 5.27 -24.83 -15.37
N GLU C 77 6.56 -25.11 -15.55
CA GLU C 77 7.02 -26.38 -16.10
C GLU C 77 7.38 -27.40 -15.03
N GLY C 78 7.78 -26.94 -13.85
CA GLY C 78 8.11 -27.83 -12.75
C GLY C 78 7.70 -27.15 -11.46
N PHE C 79 7.43 -27.96 -10.45
CA PHE C 79 6.82 -27.47 -9.21
C PHE C 79 7.60 -27.97 -7.99
N LEU C 80 7.84 -27.07 -7.05
CA LEU C 80 8.32 -27.46 -5.74
C LEU C 80 7.13 -27.44 -4.79
N CYS C 81 6.77 -28.60 -4.26
CA CYS C 81 5.65 -28.69 -3.31
C CYS C 81 6.25 -28.69 -1.92
N VAL C 82 6.05 -27.61 -1.17
CA VAL C 82 6.77 -27.33 0.08
C VAL C 82 5.83 -27.48 1.28
N PHE C 83 6.29 -28.21 2.29
CA PHE C 83 5.63 -28.21 3.59
C PHE C 83 6.67 -27.92 4.66
N ALA C 84 6.20 -27.58 5.85
CA ALA C 84 7.08 -27.33 6.99
C ALA C 84 7.14 -28.57 7.86
N ILE C 85 8.36 -28.96 8.26
CA ILE C 85 8.49 -30.22 9.00
C ILE C 85 7.95 -30.13 10.42
N ASN C 86 7.62 -28.93 10.90
CA ASN C 86 6.95 -28.80 12.18
C ASN C 86 5.47 -28.44 12.06
N ASN C 87 4.86 -28.67 10.88
CA ASN C 87 3.44 -28.36 10.68
C ASN C 87 2.80 -29.51 9.91
N THR C 88 2.18 -30.42 10.65
N THR C 88 2.16 -30.42 10.64
CA THR C 88 1.59 -31.60 10.02
CA THR C 88 1.60 -31.60 9.99
C THR C 88 0.51 -31.23 9.01
C THR C 88 0.49 -31.24 9.01
N LYS C 89 -0.29 -30.20 9.30
CA LYS C 89 -1.33 -29.80 8.35
C LYS C 89 -0.74 -29.44 6.99
N SER C 90 0.38 -28.70 6.98
CA SER C 90 1.00 -28.34 5.71
C SER C 90 1.46 -29.58 4.93
N PHE C 91 1.87 -30.64 5.65
CA PHE C 91 2.23 -31.90 5.01
C PHE C 91 1.00 -32.60 4.46
N GLU C 92 -0.10 -32.58 5.23
CA GLU C 92 -1.34 -33.19 4.75
C GLU C 92 -1.93 -32.44 3.55
N ASP C 93 -1.62 -31.15 3.40
CA ASP C 93 -2.07 -30.37 2.24
C ASP C 93 -1.42 -30.81 0.94
N ILE C 94 -0.31 -31.55 0.98
CA ILE C 94 0.48 -31.79 -0.22
C ILE C 94 -0.34 -32.56 -1.26
N HIS C 95 -1.08 -33.58 -0.82
CA HIS C 95 -1.86 -34.37 -1.76
C HIS C 95 -2.74 -33.49 -2.64
N GLN C 96 -3.45 -32.53 -2.03
CA GLN C 96 -4.34 -31.70 -2.83
C GLN C 96 -3.58 -30.74 -3.75
N TYR C 97 -2.42 -30.24 -3.31
CA TYR C 97 -1.62 -29.43 -4.22
C TYR C 97 -1.19 -30.22 -5.44
N ARG C 98 -0.78 -31.47 -5.24
CA ARG C 98 -0.34 -32.29 -6.37
C ARG C 98 -1.51 -32.60 -7.29
N GLU C 99 -2.67 -32.91 -6.73
CA GLU C 99 -3.85 -33.16 -7.57
C GLU C 99 -4.21 -31.92 -8.38
N GLN C 100 -4.06 -30.74 -7.78
CA GLN C 100 -4.40 -29.52 -8.49
C GLN C 100 -3.41 -29.22 -9.61
N ILE C 101 -2.11 -29.47 -9.37
CA ILE C 101 -1.11 -29.30 -10.42
C ILE C 101 -1.39 -30.24 -11.58
N LYS C 102 -1.72 -31.51 -11.28
CA LYS C 102 -2.01 -32.47 -12.34
C LYS C 102 -3.20 -32.01 -13.18
N ARG C 103 -4.19 -31.41 -12.53
CA ARG C 103 -5.38 -30.97 -13.25
C ARG C 103 -5.08 -29.75 -14.12
N VAL C 104 -4.35 -28.75 -13.60
N VAL C 104 -4.37 -28.76 -13.56
CA VAL C 104 -4.10 -27.56 -14.41
CA VAL C 104 -4.06 -27.56 -14.33
C VAL C 104 -3.15 -27.86 -15.56
C VAL C 104 -3.19 -27.90 -15.55
N LYS C 105 -2.23 -28.80 -15.38
CA LYS C 105 -1.31 -29.15 -16.45
C LYS C 105 -1.89 -30.22 -17.36
N ASP C 106 -3.03 -30.81 -16.99
CA ASP C 106 -3.68 -31.88 -17.74
C ASP C 106 -2.70 -33.02 -18.02
N SER C 107 -2.03 -33.47 -16.96
CA SER C 107 -1.02 -34.52 -17.08
C SER C 107 -0.90 -35.26 -15.75
N ASP C 108 -0.72 -36.58 -15.83
CA ASP C 108 -0.47 -37.37 -14.63
C ASP C 108 1.01 -37.42 -14.28
N ASP C 109 1.88 -36.81 -15.10
CA ASP C 109 3.33 -36.90 -14.92
C ASP C 109 3.92 -35.50 -15.09
N VAL C 110 3.74 -34.65 -14.09
CA VAL C 110 4.26 -33.29 -14.10
C VAL C 110 5.55 -33.27 -13.29
N PRO C 111 6.63 -32.67 -13.78
CA PRO C 111 7.87 -32.60 -12.99
C PRO C 111 7.65 -31.87 -11.69
N MET C 112 7.96 -32.55 -10.58
CA MET C 112 7.77 -31.93 -9.27
C MET C 112 8.66 -32.61 -8.25
N VAL C 113 8.96 -31.86 -7.19
CA VAL C 113 9.73 -32.37 -6.07
C VAL C 113 8.96 -32.03 -4.79
N LEU C 114 9.09 -32.90 -3.80
CA LEU C 114 8.54 -32.67 -2.47
C LEU C 114 9.65 -32.08 -1.61
N VAL C 115 9.36 -30.96 -0.93
CA VAL C 115 10.36 -30.28 -0.13
C VAL C 115 9.85 -30.14 1.30
N GLY C 116 10.60 -30.69 2.25
CA GLY C 116 10.32 -30.50 3.65
C GLY C 116 11.25 -29.43 4.19
N ASN C 117 10.66 -28.35 4.70
CA ASN C 117 11.38 -27.13 5.07
C ASN C 117 11.45 -27.01 6.58
N LYS C 118 12.65 -26.80 7.10
N LYS C 118 12.65 -26.83 7.12
CA LYS C 118 12.85 -26.55 8.54
CA LYS C 118 12.81 -26.57 8.55
C LYS C 118 12.89 -25.04 8.74
C LYS C 118 12.87 -25.06 8.72
N CYS C 119 11.78 -24.47 9.22
CA CYS C 119 11.64 -23.02 9.29
C CYS C 119 11.95 -22.44 10.66
N ASP C 120 12.07 -23.27 11.69
CA ASP C 120 12.48 -22.77 13.00
C ASP C 120 13.00 -23.92 13.83
N LEU C 121 13.21 -23.68 15.12
CA LEU C 121 13.68 -24.69 16.05
C LEU C 121 12.54 -25.35 16.81
N ALA C 122 11.29 -24.99 16.52
CA ALA C 122 10.14 -25.72 17.08
C ALA C 122 10.23 -27.19 16.68
N ALA C 123 9.61 -28.04 17.50
CA ALA C 123 9.83 -29.48 17.37
C ALA C 123 9.28 -30.00 16.06
N ARG C 124 10.07 -30.87 15.41
CA ARG C 124 9.62 -31.51 14.18
C ARG C 124 8.44 -32.43 14.47
N THR C 125 7.42 -32.39 13.60
CA THR C 125 6.28 -33.28 13.73
C THR C 125 6.09 -34.20 12.54
N VAL C 126 6.79 -33.96 11.44
CA VAL C 126 6.76 -34.84 10.27
C VAL C 126 8.15 -35.46 10.17
N GLU C 127 8.24 -36.77 10.38
CA GLU C 127 9.52 -37.45 10.29
C GLU C 127 9.93 -37.63 8.84
N SER C 128 11.24 -37.68 8.63
N SER C 128 11.23 -37.71 8.62
CA SER C 128 11.80 -37.91 7.30
CA SER C 128 11.71 -37.86 7.24
C SER C 128 11.15 -39.11 6.63
C SER C 128 11.21 -39.15 6.59
N ARG C 129 11.01 -40.21 7.38
CA ARG C 129 10.49 -41.44 6.79
C ARG C 129 9.07 -41.26 6.25
N GLN C 130 8.22 -40.51 6.98
CA GLN C 130 6.87 -40.25 6.50
C GLN C 130 6.90 -39.51 5.16
N ALA C 131 7.78 -38.51 5.04
CA ALA C 131 7.85 -37.73 3.81
C ALA C 131 8.47 -38.53 2.67
N GLN C 132 9.50 -39.33 2.97
CA GLN C 132 10.08 -40.21 1.96
C GLN C 132 9.04 -41.19 1.44
N ASP C 133 8.24 -41.76 2.34
CA ASP C 133 7.20 -42.69 1.89
C ASP C 133 6.19 -42.00 1.00
N LEU C 134 5.78 -40.77 1.35
CA LEU C 134 4.84 -40.04 0.51
C LEU C 134 5.44 -39.75 -0.87
N ALA C 135 6.67 -39.25 -0.90
CA ALA C 135 7.33 -38.97 -2.17
C ALA C 135 7.44 -40.23 -3.03
N ARG C 136 7.79 -41.36 -2.40
CA ARG C 136 7.91 -42.60 -3.16
C ARG C 136 6.55 -43.02 -3.73
N SER C 137 5.48 -42.81 -2.95
CA SER C 137 4.15 -43.20 -3.42
C SER C 137 3.75 -42.39 -4.66
N TYR C 138 4.27 -41.17 -4.79
CA TYR C 138 4.06 -40.31 -5.94
C TYR C 138 5.09 -40.48 -7.04
N GLY C 139 6.18 -41.18 -6.78
CA GLY C 139 7.26 -41.26 -7.75
C GLY C 139 8.06 -40.00 -7.95
N ILE C 140 8.26 -39.21 -6.90
CA ILE C 140 8.98 -37.94 -7.03
C ILE C 140 10.08 -37.89 -5.98
N PRO C 141 11.09 -37.06 -6.19
CA PRO C 141 12.15 -36.89 -5.18
C PRO C 141 11.66 -36.14 -3.95
N TYR C 142 12.37 -36.40 -2.83
CA TYR C 142 12.17 -35.67 -1.58
C TYR C 142 13.48 -34.99 -1.20
N ILE C 143 13.41 -33.70 -0.89
CA ILE C 143 14.57 -32.93 -0.45
C ILE C 143 14.17 -32.20 0.83
N GLU C 144 15.03 -32.23 1.84
CA GLU C 144 14.83 -31.41 3.04
C GLU C 144 15.76 -30.21 3.02
N THR C 145 15.23 -29.07 3.47
CA THR C 145 15.95 -27.80 3.43
C THR C 145 15.87 -27.09 4.77
N SER C 146 16.87 -26.26 5.03
CA SER C 146 16.83 -25.37 6.18
C SER C 146 16.53 -23.95 5.72
N ALA C 147 15.62 -23.26 6.42
CA ALA C 147 15.27 -21.88 6.11
C ALA C 147 16.30 -20.90 6.62
N LYS C 148 17.30 -21.38 7.35
CA LYS C 148 18.29 -20.50 7.97
C LYS C 148 19.71 -20.72 7.50
N THR C 149 20.11 -21.95 7.15
CA THR C 149 21.50 -22.24 6.83
C THR C 149 21.74 -22.43 5.34
N ARG C 150 20.69 -22.37 4.51
CA ARG C 150 20.71 -22.62 3.08
C ARG C 150 20.94 -24.09 2.73
N GLN C 151 21.05 -24.98 3.71
CA GLN C 151 21.25 -26.38 3.39
C GLN C 151 20.05 -26.92 2.61
N GLY C 152 20.33 -27.71 1.58
CA GLY C 152 19.29 -28.34 0.77
C GLY C 152 18.69 -27.47 -0.30
N VAL C 153 18.92 -26.15 -0.26
CA VAL C 153 18.20 -25.24 -1.15
C VAL C 153 18.59 -25.48 -2.61
N GLU C 154 19.90 -25.48 -2.89
N GLU C 154 19.90 -25.46 -2.89
CA GLU C 154 20.34 -25.75 -4.26
CA GLU C 154 20.36 -25.76 -4.25
C GLU C 154 19.90 -27.14 -4.71
C GLU C 154 19.88 -27.13 -4.70
N ASP C 155 19.97 -28.13 -3.82
CA ASP C 155 19.55 -29.49 -4.17
C ASP C 155 18.08 -29.52 -4.58
N ALA C 156 17.22 -28.77 -3.88
CA ALA C 156 15.80 -28.78 -4.22
C ALA C 156 15.57 -28.28 -5.64
N PHE C 157 16.16 -27.13 -5.98
CA PHE C 157 15.92 -26.54 -7.29
C PHE C 157 16.62 -27.34 -8.39
N TYR C 158 17.86 -27.76 -8.16
CA TYR C 158 18.59 -28.51 -9.18
C TYR C 158 17.93 -29.86 -9.43
N THR C 159 17.45 -30.52 -8.37
CA THR C 159 16.76 -31.80 -8.55
C THR C 159 15.52 -31.62 -9.41
N LEU C 160 14.77 -30.52 -9.20
CA LEU C 160 13.60 -30.26 -10.03
C LEU C 160 13.98 -30.03 -11.49
N VAL C 161 15.07 -29.27 -11.73
CA VAL C 161 15.51 -29.08 -13.12
C VAL C 161 15.85 -30.42 -13.76
N ARG C 162 16.51 -31.30 -13.01
CA ARG C 162 16.81 -32.63 -13.55
C ARG C 162 15.54 -33.41 -13.86
N GLU C 163 14.50 -33.26 -13.03
CA GLU C 163 13.21 -33.89 -13.33
C GLU C 163 12.64 -33.37 -14.64
N ILE C 164 12.76 -32.06 -14.87
CA ILE C 164 12.28 -31.50 -16.13
C ILE C 164 13.09 -32.04 -17.30
N ARG C 165 14.43 -32.03 -17.16
CA ARG C 165 15.29 -32.46 -18.26
C ARG C 165 15.06 -33.92 -18.61
N GLN C 166 14.74 -34.74 -17.63
CA GLN C 166 14.57 -36.18 -17.82
C GLN C 166 13.12 -36.59 -18.02
N HIS C 167 12.22 -35.63 -18.18
CA HIS C 167 10.79 -35.95 -18.35
C HIS C 167 10.56 -36.78 -19.61
#